data_7R26
#
_entry.id   7R26
#
_cell.length_a   143.003
_cell.length_b   64.53
_cell.length_c   117.347
_cell.angle_alpha   90
_cell.angle_beta   103.32
_cell.angle_gamma   90
#
_symmetry.space_group_name_H-M   'C 1 2 1'
#
loop_
_entity.id
_entity.type
_entity.pdbx_description
1 polymer 'Phosphatidylinositol 4,5-bisphosphate 3-kinase catalytic subunit delta isoform'
2 non-polymer 5-[2,6-di(morpholin-4-yl)pyrimidin-4-yl]-4-(trifluoromethyl)pyridin-2-amine
3 water water
#
_entity_poly.entity_id   1
_entity_poly.type   'polypeptide(L)'
_entity_poly.pdbx_seq_one_letter_code
;GGDRVKKLINSQISLLIGKGLHEFDSLRDPEVNDFRTKMRQFCEEAAAHRQQLGWVEWLQYSFPLQLEPSARGWRAGLLR
VSNRALLVNVKFEGSEESFTFQVSTKDMPLALMACALRKKATVFRQPLVEQPEEYALQVNGRHEYLYGNYPLCHFQYICS
CLHSGLTPHLTMVHSSSILAMRDEQSNPAPQVQKPRAKPPPIPAKKPSSVSLWSLEQPFSIELIEGRKVNADERMKLVVQ
AGLFHGNEMLCKTVSSSEVNVCSEPVWKQRLEFDISVCDLPRMARLCFALYAVVEKAKKARSTKKKSKKADCPIAWANLM
LFDYKDQLKTGERCLYMWPSVPDEKGELLNPAGTVRGNPNTESAAALVIYLPEVAPHPVYFPALEKILELGRHGERGRIT
EEEQLQLREILERRGSGELYEHEKDLVWKMRHEVQEHFPEALARLLLVTKWNKHEDVAQMLYLLCSWPELPVLSALELLD
FSFPDCYVGSFAIKSLRKLTDDELFQYLLQLVQVLKYESYLDCELTKFLLGRALANRKIGHFLFWHLRSEMHVPSVALRF
GLIMEAYCRGSTHHMKVLMKQGEALSKLKALNDFVKVSSQKTTKPQTKEMMHMCMRQETYMEALSHLQSPLDPSTLLEEV
CVEQCTFMDSKMKPLWIMYSSEEAGSAGNVGIIFKNGDDLRQDMLTLQMIQLMDVLWKQEGLDLRMTPYGCLPTGDRTGL
IEVVLHSDTIANIQLNKSNMAATAAFNKDALLNWLKSKNPGEALDRAIEEFTLSCAGYCVATYVLGIGDRHSDNIMIRES
GQLFHIDFGHFLGNFKTKFGINRERVPFILTYDFVHVIQQGKTNNSEKFERFRGYCERAYTILRRHGLLFLHLFALMRAA
GLPELSCSKDIQYLKDSLALGKTEEEALKHFRVKFNEALRESWKTKVNWLAHNVSKDNRQ
;
_entity_poly.pdbx_strand_id   A
#
loop_
_chem_comp.id
_chem_comp.type
_chem_comp.name
_chem_comp.formula
SD5 non-polymer 5-[2,6-di(morpholin-4-yl)pyrimidin-4-yl]-4-(trifluoromethyl)pyridin-2-amine 'C18 H21 F3 N6 O2'
#
# COMPACT_ATOMS: atom_id res chain seq x y z
N ARG A 4 15.21 -3.82 -34.12
CA ARG A 4 16.12 -3.03 -33.30
C ARG A 4 15.37 -2.18 -32.25
N VAL A 5 14.13 -1.79 -32.56
CA VAL A 5 13.32 -1.03 -31.61
C VAL A 5 12.82 -1.95 -30.47
N LYS A 6 12.60 -3.25 -30.78
CA LYS A 6 12.18 -4.29 -29.82
C LYS A 6 13.37 -4.61 -28.89
N LYS A 7 14.60 -4.68 -29.46
CA LYS A 7 15.82 -4.92 -28.69
C LYS A 7 16.01 -3.80 -27.69
N LEU A 8 15.77 -2.54 -28.11
CA LEU A 8 15.89 -1.38 -27.22
C LEU A 8 14.86 -1.46 -26.10
N ILE A 9 13.59 -1.79 -26.42
CA ILE A 9 12.53 -1.89 -25.40
C ILE A 9 12.86 -2.95 -24.34
N ASN A 10 13.27 -4.15 -24.78
CA ASN A 10 13.63 -5.27 -23.91
C ASN A 10 14.75 -4.91 -22.94
N SER A 11 15.79 -4.23 -23.43
CA SER A 11 16.90 -3.80 -22.57
C SER A 11 16.47 -2.70 -21.59
N GLN A 12 15.54 -1.83 -22.01
CA GLN A 12 15.03 -0.78 -21.13
C GLN A 12 14.14 -1.40 -20.02
N ILE A 13 13.40 -2.47 -20.31
CA ILE A 13 12.59 -3.15 -19.30
C ILE A 13 13.53 -3.81 -18.30
N SER A 14 14.62 -4.46 -18.77
CA SER A 14 15.60 -5.13 -17.92
C SER A 14 16.23 -4.16 -16.95
N LEU A 15 16.65 -2.98 -17.44
CA LEU A 15 17.24 -1.95 -16.60
C LEU A 15 16.17 -1.46 -15.58
N LEU A 16 14.96 -1.12 -16.05
CA LEU A 16 13.88 -0.60 -15.20
C LEU A 16 13.47 -1.53 -14.04
N ILE A 17 13.15 -2.79 -14.35
CA ILE A 17 12.67 -3.75 -13.36
C ILE A 17 13.79 -4.33 -12.46
N GLY A 18 15.05 -4.15 -12.85
CA GLY A 18 16.17 -4.64 -12.06
C GLY A 18 16.42 -6.13 -12.20
N LYS A 19 16.08 -6.71 -13.36
CA LYS A 19 16.28 -8.12 -13.65
C LYS A 19 16.28 -8.29 -15.15
N GLY A 20 17.33 -8.92 -15.69
CA GLY A 20 17.43 -9.16 -17.11
C GLY A 20 16.36 -10.10 -17.60
N LEU A 21 15.64 -9.71 -18.68
CA LEU A 21 14.58 -10.55 -19.27
C LEU A 21 15.09 -11.93 -19.73
N HIS A 22 16.40 -12.04 -19.99
CA HIS A 22 17.03 -13.31 -20.39
C HIS A 22 16.98 -14.32 -19.22
N GLU A 23 16.99 -13.85 -17.97
CA GLU A 23 16.91 -14.70 -16.79
C GLU A 23 15.58 -15.48 -16.78
N PHE A 24 14.50 -14.89 -17.35
CA PHE A 24 13.19 -15.55 -17.43
C PHE A 24 13.22 -16.69 -18.44
N ASP A 25 13.87 -16.47 -19.58
CA ASP A 25 13.99 -17.50 -20.62
C ASP A 25 14.81 -18.67 -20.16
N SER A 26 15.89 -18.41 -19.40
CA SER A 26 16.82 -19.46 -18.95
C SER A 26 16.24 -20.48 -18.00
N LEU A 27 15.14 -20.13 -17.31
CA LEU A 27 14.51 -21.06 -16.37
C LEU A 27 13.77 -22.22 -17.05
N ARG A 28 13.46 -22.09 -18.37
CA ARG A 28 12.77 -23.10 -19.18
C ARG A 28 11.53 -23.63 -18.48
N ASP A 29 10.78 -22.72 -17.86
CA ASP A 29 9.59 -23.00 -17.08
C ASP A 29 8.30 -22.69 -17.83
N PRO A 30 7.53 -23.72 -18.22
CA PRO A 30 6.29 -23.46 -18.96
C PRO A 30 5.32 -22.49 -18.29
N GLU A 31 5.22 -22.52 -16.95
CA GLU A 31 4.31 -21.64 -16.23
C GLU A 31 4.74 -20.16 -16.37
N VAL A 32 6.06 -19.90 -16.39
CA VAL A 32 6.56 -18.55 -16.57
C VAL A 32 6.31 -18.12 -18.01
N ASN A 33 6.61 -19.00 -18.99
CA ASN A 33 6.43 -18.76 -20.42
C ASN A 33 4.98 -18.45 -20.79
N ASP A 34 4.04 -19.16 -20.18
CA ASP A 34 2.61 -18.95 -20.44
C ASP A 34 2.11 -17.66 -19.81
N PHE A 35 2.62 -17.30 -18.62
CA PHE A 35 2.24 -16.03 -17.99
C PHE A 35 2.73 -14.88 -18.88
N ARG A 36 3.99 -14.95 -19.31
CA ARG A 36 4.62 -13.92 -20.13
C ARG A 36 3.88 -13.63 -21.41
N THR A 37 3.47 -14.69 -22.13
CA THR A 37 2.75 -14.59 -23.39
C THR A 37 1.31 -14.12 -23.23
N LYS A 38 0.58 -14.64 -22.25
CA LYS A 38 -0.83 -14.28 -22.04
C LYS A 38 -0.97 -12.88 -21.48
N MET A 39 -0.12 -12.49 -20.50
CA MET A 39 -0.21 -11.16 -19.90
C MET A 39 0.29 -10.07 -20.84
N ARG A 40 1.24 -10.38 -21.73
CA ARG A 40 1.71 -9.41 -22.72
C ARG A 40 0.54 -9.00 -23.63
N GLN A 41 -0.22 -9.97 -24.16
CA GLN A 41 -1.35 -9.69 -25.04
C GLN A 41 -2.46 -8.96 -24.32
N PHE A 42 -2.71 -9.34 -23.07
CA PHE A 42 -3.72 -8.71 -22.24
C PHE A 42 -3.37 -7.22 -22.03
N CYS A 43 -2.10 -6.92 -21.79
CA CYS A 43 -1.64 -5.56 -21.55
C CYS A 43 -1.57 -4.74 -22.85
N GLU A 44 -1.27 -5.38 -23.98
CA GLU A 44 -1.23 -4.77 -25.31
C GLU A 44 -2.63 -4.35 -25.79
N GLU A 45 -3.66 -5.17 -25.45
CA GLU A 45 -5.05 -4.86 -25.76
C GLU A 45 -5.44 -3.59 -24.98
N ALA A 46 -5.02 -3.47 -23.71
CA ALA A 46 -5.32 -2.29 -22.89
C ALA A 46 -4.71 -1.02 -23.49
N ALA A 47 -3.47 -1.11 -23.98
CA ALA A 47 -2.78 0.02 -24.61
C ALA A 47 -3.54 0.44 -25.87
N ALA A 48 -4.01 -0.53 -26.66
CA ALA A 48 -4.76 -0.26 -27.88
C ALA A 48 -6.09 0.45 -27.57
N HIS A 49 -6.78 0.03 -26.51
CA HIS A 49 -8.04 0.61 -26.08
C HIS A 49 -7.85 2.08 -25.66
N ARG A 50 -6.73 2.37 -25.00
CA ARG A 50 -6.39 3.68 -24.48
C ARG A 50 -5.99 4.68 -25.58
N GLN A 51 -5.39 4.18 -26.65
CA GLN A 51 -4.92 5.02 -27.76
C GLN A 51 -6.06 5.76 -28.48
N GLN A 52 -7.28 5.19 -28.44
CA GLN A 52 -8.45 5.78 -29.07
C GLN A 52 -9.43 6.42 -28.07
N LEU A 53 -9.11 6.47 -26.79
CA LEU A 53 -9.99 7.10 -25.79
C LEU A 53 -10.25 8.57 -26.17
N GLY A 54 -11.40 9.11 -25.80
CA GLY A 54 -11.67 10.53 -26.03
C GLY A 54 -10.73 11.38 -25.19
N TRP A 55 -10.53 12.65 -25.56
CA TRP A 55 -9.60 13.52 -24.81
C TRP A 55 -9.96 13.67 -23.30
N VAL A 56 -11.25 13.65 -22.92
CA VAL A 56 -11.60 13.72 -21.47
C VAL A 56 -11.30 12.36 -20.80
N GLU A 57 -11.53 11.25 -21.51
CA GLU A 57 -11.22 9.91 -21.03
C GLU A 57 -9.73 9.71 -20.87
N TRP A 58 -8.93 10.28 -21.79
CA TRP A 58 -7.47 10.23 -21.73
C TRP A 58 -7.00 10.98 -20.47
N LEU A 59 -7.61 12.15 -20.18
CA LEU A 59 -7.36 12.99 -19.00
C LEU A 59 -7.67 12.19 -17.72
N GLN A 60 -8.80 11.45 -17.69
CA GLN A 60 -9.19 10.60 -16.55
C GLN A 60 -8.15 9.49 -16.33
N TYR A 61 -7.54 8.95 -17.40
CA TYR A 61 -6.53 7.91 -17.31
C TYR A 61 -5.21 8.52 -16.78
N SER A 62 -4.77 9.59 -17.41
CA SER A 62 -3.45 10.16 -17.16
C SER A 62 -3.37 11.06 -15.94
N PHE A 63 -4.38 11.88 -15.74
CA PHE A 63 -4.44 12.82 -14.63
C PHE A 63 -5.77 12.62 -13.89
N PRO A 64 -5.91 11.50 -13.14
CA PRO A 64 -7.19 11.29 -12.41
C PRO A 64 -7.45 12.41 -11.38
N LEU A 65 -8.72 12.88 -11.33
CA LEU A 65 -9.17 13.95 -10.45
C LEU A 65 -8.84 13.73 -8.98
N GLN A 66 -8.41 14.80 -8.32
CA GLN A 66 -8.07 14.73 -6.89
C GLN A 66 -9.13 15.51 -6.14
N LEU A 67 -10.13 14.78 -5.65
CA LEU A 67 -11.27 15.37 -4.96
C LEU A 67 -11.23 15.20 -3.44
N GLU A 68 -11.93 16.06 -2.71
CA GLU A 68 -12.04 15.98 -1.24
C GLU A 68 -12.93 14.76 -0.88
N PRO A 69 -12.59 14.03 0.20
CA PRO A 69 -13.38 12.83 0.56
C PRO A 69 -14.89 13.06 0.66
N ARG A 84 -18.96 31.10 -0.48
CA ARG A 84 -17.70 31.83 -0.33
C ARG A 84 -17.13 32.28 -1.68
N ALA A 85 -16.21 33.26 -1.66
CA ALA A 85 -15.61 33.77 -2.88
C ALA A 85 -14.09 33.61 -2.88
N LEU A 86 -13.49 33.54 -4.08
CA LEU A 86 -12.05 33.43 -4.20
C LEU A 86 -11.52 34.02 -5.52
N LEU A 87 -10.32 34.57 -5.47
CA LEU A 87 -9.68 35.13 -6.65
C LEU A 87 -8.85 34.02 -7.30
N VAL A 88 -9.01 33.82 -8.60
CA VAL A 88 -8.31 32.77 -9.34
C VAL A 88 -7.54 33.38 -10.51
N ASN A 89 -6.23 33.12 -10.61
CA ASN A 89 -5.44 33.58 -11.74
C ASN A 89 -5.52 32.51 -12.82
N VAL A 90 -5.89 32.89 -14.05
CA VAL A 90 -6.02 31.96 -15.17
C VAL A 90 -5.25 32.46 -16.37
N LYS A 91 -4.42 31.62 -16.96
CA LYS A 91 -3.69 31.96 -18.17
C LYS A 91 -3.99 30.93 -19.27
N PHE A 92 -3.56 31.19 -20.50
CA PHE A 92 -3.76 30.24 -21.60
C PHE A 92 -2.43 29.61 -21.96
N GLU A 93 -2.46 28.34 -22.39
CA GLU A 93 -1.24 27.63 -22.78
C GLU A 93 -0.66 28.29 -24.03
N GLY A 94 0.60 28.68 -23.96
CA GLY A 94 1.26 29.37 -25.07
C GLY A 94 1.08 30.88 -25.01
N SER A 95 1.01 31.43 -23.78
CA SER A 95 0.84 32.87 -23.58
C SER A 95 1.29 33.29 -22.19
N GLU A 96 2.02 34.41 -22.09
CA GLU A 96 2.47 34.92 -20.79
C GLU A 96 1.41 35.81 -20.10
N GLU A 97 0.44 36.33 -20.87
CA GLU A 97 -0.61 37.18 -20.33
C GLU A 97 -1.60 36.36 -19.49
N SER A 98 -2.12 36.95 -18.42
CA SER A 98 -3.05 36.27 -17.53
C SER A 98 -4.09 37.22 -16.92
N PHE A 99 -5.16 36.67 -16.36
CA PHE A 99 -6.19 37.48 -15.74
C PHE A 99 -6.66 36.87 -14.43
N THR A 100 -6.95 37.72 -13.45
CA THR A 100 -7.45 37.28 -12.15
C THR A 100 -8.96 37.52 -12.11
N PHE A 101 -9.72 36.50 -11.71
CA PHE A 101 -11.18 36.61 -11.67
C PHE A 101 -11.70 36.38 -10.25
N GLN A 102 -12.85 36.96 -9.94
CA GLN A 102 -13.49 36.75 -8.65
C GLN A 102 -14.65 35.78 -8.86
N VAL A 103 -14.40 34.50 -8.63
CA VAL A 103 -15.41 33.45 -8.78
C VAL A 103 -15.82 32.90 -7.38
N SER A 104 -16.92 32.14 -7.31
CA SER A 104 -17.34 31.56 -6.05
C SER A 104 -16.81 30.13 -5.91
N THR A 105 -16.58 29.67 -4.67
CA THR A 105 -16.12 28.30 -4.43
C THR A 105 -17.19 27.24 -4.86
N LYS A 106 -18.46 27.66 -5.02
CA LYS A 106 -19.52 26.76 -5.46
C LYS A 106 -19.63 26.64 -7.00
N ASP A 107 -18.83 27.43 -7.75
CA ASP A 107 -18.85 27.41 -9.21
C ASP A 107 -18.15 26.19 -9.80
N MET A 108 -18.66 25.70 -10.92
CA MET A 108 -18.07 24.57 -11.64
C MET A 108 -16.83 25.04 -12.41
N PRO A 109 -15.90 24.14 -12.81
CA PRO A 109 -14.77 24.58 -13.64
C PRO A 109 -15.22 25.14 -15.00
N LEU A 110 -16.40 24.74 -15.51
CA LEU A 110 -16.91 25.24 -16.79
C LEU A 110 -17.25 26.73 -16.74
N ALA A 111 -17.75 27.19 -15.58
CA ALA A 111 -18.07 28.60 -15.36
C ALA A 111 -16.80 29.44 -15.34
N LEU A 112 -15.73 28.89 -14.81
CA LEU A 112 -14.42 29.52 -14.77
C LEU A 112 -13.87 29.61 -16.19
N MET A 113 -13.98 28.52 -16.97
CA MET A 113 -13.49 28.48 -18.34
C MET A 113 -14.24 29.46 -19.27
N ALA A 114 -15.56 29.62 -19.07
CA ALA A 114 -16.35 30.56 -19.86
C ALA A 114 -15.97 32.01 -19.51
N CYS A 115 -15.71 32.27 -18.22
CA CYS A 115 -15.30 33.57 -17.72
C CYS A 115 -13.92 33.94 -18.28
N ALA A 116 -13.00 32.96 -18.31
CA ALA A 116 -11.66 33.16 -18.84
C ALA A 116 -11.70 33.42 -20.35
N LEU A 117 -12.59 32.71 -21.07
CA LEU A 117 -12.70 32.87 -22.51
C LEU A 117 -13.32 34.22 -22.91
N ARG A 118 -14.16 34.79 -22.05
CA ARG A 118 -14.76 36.09 -22.31
C ARG A 118 -13.66 37.15 -22.19
N LYS A 119 -12.79 37.06 -21.17
CA LYS A 119 -11.69 37.99 -20.96
C LYS A 119 -10.66 37.93 -22.09
N LYS A 120 -10.46 36.75 -22.70
CA LYS A 120 -9.53 36.60 -23.81
C LYS A 120 -10.13 37.18 -25.10
N ALA A 121 -11.44 36.97 -25.32
CA ALA A 121 -12.13 37.48 -26.51
C ALA A 121 -12.17 39.01 -26.52
N THR A 122 -12.34 39.63 -25.35
CA THR A 122 -12.38 41.09 -25.24
C THR A 122 -10.98 41.69 -25.36
N VAL A 123 -9.96 41.01 -24.81
CA VAL A 123 -8.59 41.49 -24.88
C VAL A 123 -8.00 41.35 -26.29
N PHE A 124 -8.50 40.39 -27.09
CA PHE A 124 -8.01 40.19 -28.46
C PHE A 124 -8.84 40.90 -29.53
N ARG A 125 -9.91 41.62 -29.14
CA ARG A 125 -10.79 42.34 -30.07
C ARG A 125 -11.38 41.42 -31.14
N GLN A 126 -11.70 40.17 -30.76
CA GLN A 126 -12.26 39.20 -31.68
C GLN A 126 -13.39 38.42 -31.00
N PRO A 127 -14.60 38.44 -31.59
CA PRO A 127 -15.72 37.72 -30.98
C PRO A 127 -15.89 36.31 -31.54
N GLN A 131 -16.26 28.64 -26.61
CA GLN A 131 -16.51 27.22 -26.37
C GLN A 131 -15.71 26.66 -25.18
N PRO A 132 -16.24 26.75 -23.94
CA PRO A 132 -15.51 26.21 -22.78
C PRO A 132 -15.41 24.69 -22.72
N GLU A 133 -16.37 23.98 -23.32
CA GLU A 133 -16.44 22.52 -23.37
C GLU A 133 -15.21 21.84 -24.01
N GLU A 134 -14.47 22.56 -24.87
CA GLU A 134 -13.26 22.07 -25.51
C GLU A 134 -12.00 22.24 -24.63
N TYR A 135 -12.14 22.58 -23.34
CA TYR A 135 -11.00 22.84 -22.48
C TYR A 135 -11.00 22.13 -21.13
N ALA A 136 -9.82 22.06 -20.50
CA ALA A 136 -9.61 21.59 -19.16
C ALA A 136 -8.64 22.56 -18.48
N LEU A 137 -8.71 22.66 -17.16
CA LEU A 137 -7.84 23.56 -16.42
C LEU A 137 -6.67 22.80 -15.80
N GLN A 138 -5.44 23.11 -16.17
CA GLN A 138 -4.26 22.49 -15.55
C GLN A 138 -3.82 23.32 -14.36
N VAL A 139 -3.42 22.68 -13.27
CA VAL A 139 -2.84 23.38 -12.12
C VAL A 139 -1.41 23.68 -12.58
N ASN A 140 -1.05 24.97 -12.64
CA ASN A 140 0.28 25.44 -13.11
C ASN A 140 1.45 24.65 -12.52
N GLY A 141 2.31 24.15 -13.39
CA GLY A 141 3.49 23.39 -12.99
C GLY A 141 3.26 22.09 -12.25
N ARG A 142 2.11 21.44 -12.52
CA ARG A 142 1.74 20.16 -11.92
C ARG A 142 1.04 19.32 -12.97
N HIS A 143 1.11 17.98 -12.82
CA HIS A 143 0.34 17.10 -13.70
C HIS A 143 -1.00 16.85 -13.01
N GLU A 144 -1.76 17.94 -12.81
CA GLU A 144 -3.05 17.91 -12.15
C GLU A 144 -4.04 18.77 -12.95
N TYR A 145 -5.28 18.30 -13.07
CA TYR A 145 -6.27 18.99 -13.86
C TYR A 145 -7.58 19.11 -13.12
N LEU A 146 -8.31 20.16 -13.42
CA LEU A 146 -9.62 20.40 -12.82
C LEU A 146 -10.58 20.32 -13.97
N TYR A 147 -11.47 19.33 -13.93
CA TYR A 147 -12.51 19.09 -14.95
C TYR A 147 -13.68 18.34 -14.29
N GLY A 148 -14.79 18.19 -15.01
CA GLY A 148 -15.95 17.49 -14.50
C GLY A 148 -16.96 18.38 -13.82
N ASN A 149 -18.16 17.85 -13.54
CA ASN A 149 -19.21 18.65 -12.89
C ASN A 149 -19.05 18.61 -11.38
N TYR A 150 -18.09 19.40 -10.87
CA TYR A 150 -17.80 19.48 -9.44
C TYR A 150 -17.54 20.93 -9.06
N PRO A 151 -18.07 21.39 -7.92
CA PRO A 151 -17.77 22.76 -7.47
C PRO A 151 -16.28 22.89 -7.15
N LEU A 152 -15.70 24.09 -7.40
CA LEU A 152 -14.29 24.35 -7.17
C LEU A 152 -13.78 23.90 -5.79
N CYS A 153 -14.57 24.10 -4.71
CA CYS A 153 -14.13 23.71 -3.36
C CYS A 153 -14.00 22.18 -3.16
N HIS A 154 -14.59 21.36 -4.05
CA HIS A 154 -14.47 19.90 -3.95
C HIS A 154 -13.16 19.35 -4.57
N PHE A 155 -12.38 20.19 -5.25
CA PHE A 155 -11.10 19.77 -5.80
C PHE A 155 -10.08 19.98 -4.69
N GLN A 156 -9.24 18.99 -4.44
CA GLN A 156 -8.21 19.06 -3.39
C GLN A 156 -7.31 20.29 -3.53
N TYR A 157 -7.03 20.72 -4.76
CA TYR A 157 -6.18 21.89 -4.99
C TYR A 157 -6.85 23.19 -4.52
N ILE A 158 -8.10 23.44 -4.92
CA ILE A 158 -8.80 24.66 -4.52
C ILE A 158 -9.03 24.66 -3.01
N CYS A 159 -9.46 23.52 -2.46
CA CYS A 159 -9.66 23.35 -1.03
C CYS A 159 -8.39 23.65 -0.23
N SER A 160 -7.23 23.21 -0.75
CA SER A 160 -5.93 23.47 -0.13
C SER A 160 -5.58 24.94 -0.16
N CYS A 161 -5.90 25.63 -1.28
CA CYS A 161 -5.62 27.05 -1.44
C CYS A 161 -6.42 27.85 -0.42
N LEU A 162 -7.72 27.53 -0.28
CA LEU A 162 -8.64 28.17 0.67
C LEU A 162 -8.11 28.13 2.10
N HIS A 163 -7.57 26.99 2.53
CA HIS A 163 -7.01 26.86 3.87
C HIS A 163 -5.72 27.65 4.05
N SER A 164 -4.76 27.51 3.14
CA SER A 164 -3.49 28.24 3.26
C SER A 164 -3.58 29.75 2.91
N GLY A 165 -4.74 30.20 2.45
CA GLY A 165 -4.97 31.59 2.06
C GLY A 165 -4.70 31.87 0.60
N LEU A 166 -3.64 31.23 0.05
CA LEU A 166 -3.12 31.32 -1.32
C LEU A 166 -4.16 31.38 -2.46
N THR A 167 -3.73 31.89 -3.63
CA THR A 167 -4.54 32.07 -4.84
C THR A 167 -4.32 30.95 -5.86
N PRO A 168 -5.39 30.27 -6.29
CA PRO A 168 -5.24 29.23 -7.32
C PRO A 168 -4.69 29.73 -8.65
N HIS A 169 -3.73 29.02 -9.23
CA HIS A 169 -3.16 29.40 -10.52
C HIS A 169 -3.46 28.30 -11.54
N LEU A 170 -4.29 28.60 -12.57
CA LEU A 170 -4.71 27.61 -13.56
C LEU A 170 -4.40 28.00 -15.00
N THR A 171 -4.26 26.98 -15.88
CA THR A 171 -3.95 27.18 -17.28
C THR A 171 -5.02 26.51 -18.12
N MET A 172 -5.58 27.25 -19.07
CA MET A 172 -6.59 26.72 -19.97
C MET A 172 -5.91 25.87 -21.02
N VAL A 173 -6.07 24.55 -20.95
CA VAL A 173 -5.48 23.66 -21.93
C VAL A 173 -6.58 23.15 -22.89
N HIS A 174 -6.40 23.36 -24.21
CA HIS A 174 -7.34 22.98 -25.27
C HIS A 174 -7.32 21.48 -25.55
N SER A 175 -8.43 20.96 -26.08
CA SER A 175 -8.63 19.55 -26.41
C SER A 175 -7.55 19.02 -27.35
N SER A 176 -7.21 19.79 -28.38
CA SER A 176 -6.17 19.46 -29.38
C SER A 176 -4.78 19.30 -28.73
N SER A 177 -4.53 20.03 -27.66
CA SER A 177 -3.26 19.94 -26.95
C SER A 177 -3.24 18.67 -26.08
N ILE A 178 -4.39 18.28 -25.48
CA ILE A 178 -4.51 17.06 -24.69
C ILE A 178 -4.41 15.84 -25.62
N LEU A 179 -5.02 15.92 -26.82
CA LEU A 179 -4.94 14.87 -27.85
C LEU A 179 -3.53 14.72 -28.39
N ALA A 180 -2.73 15.81 -28.38
CA ALA A 180 -1.34 15.73 -28.82
C ALA A 180 -0.50 14.94 -27.79
N MET A 181 -0.88 14.98 -26.51
CA MET A 181 -0.20 14.21 -25.46
C MET A 181 -0.52 12.74 -25.64
N ARG A 182 -1.80 12.40 -25.92
CA ARG A 182 -2.23 11.03 -26.13
C ARG A 182 -1.49 10.41 -27.31
N ASP A 183 -1.34 11.17 -28.40
CA ASP A 183 -0.65 10.71 -29.59
C ASP A 183 0.87 10.60 -29.42
N GLU A 184 1.48 11.45 -28.60
CA GLU A 184 2.92 11.38 -28.32
C GLU A 184 3.28 10.14 -27.49
N GLN A 185 2.36 9.71 -26.62
CA GLN A 185 2.53 8.61 -25.69
C GLN A 185 2.13 7.24 -26.24
N SER A 186 1.94 7.11 -27.57
CA SER A 186 1.59 5.83 -28.21
C SER A 186 2.74 4.78 -28.15
N ASN A 187 2.45 3.52 -28.51
CA ASN A 187 3.42 2.43 -28.48
C ASN A 187 4.56 2.64 -29.48
N SER A 214 -13.30 -40.89 -7.65
CA SER A 214 -11.94 -40.61 -8.07
C SER A 214 -11.01 -41.84 -7.69
N LEU A 215 -9.98 -41.66 -6.85
CA LEU A 215 -9.07 -42.73 -6.46
C LEU A 215 -9.03 -42.87 -4.92
N GLU A 216 -9.74 -43.85 -4.34
CA GLU A 216 -9.75 -44.00 -2.88
C GLU A 216 -8.37 -44.24 -2.23
N GLN A 217 -7.32 -44.54 -3.04
CA GLN A 217 -5.95 -44.77 -2.60
C GLN A 217 -5.49 -43.63 -1.67
N PRO A 218 -5.00 -43.95 -0.47
CA PRO A 218 -4.59 -42.88 0.46
C PRO A 218 -3.41 -42.07 -0.07
N PHE A 219 -3.42 -40.74 0.14
CA PHE A 219 -2.33 -39.88 -0.32
C PHE A 219 -0.97 -40.33 0.23
N SER A 220 0.06 -40.31 -0.62
CA SER A 220 1.39 -40.75 -0.22
C SER A 220 2.48 -40.10 -1.07
N ILE A 221 3.67 -39.98 -0.49
CA ILE A 221 4.87 -39.44 -1.15
C ILE A 221 6.06 -40.35 -0.79
N GLU A 222 7.17 -40.18 -1.52
CA GLU A 222 8.39 -40.90 -1.22
C GLU A 222 9.44 -39.85 -0.87
N LEU A 223 9.95 -39.92 0.36
CA LEU A 223 11.03 -39.08 0.84
C LEU A 223 12.29 -39.82 0.31
N ILE A 224 12.74 -39.45 -0.91
CA ILE A 224 13.87 -40.08 -1.56
C ILE A 224 15.19 -39.61 -0.97
N ARG A 227 20.30 -32.85 0.52
CA ARG A 227 21.56 -32.80 -0.22
C ARG A 227 22.66 -32.02 0.52
N LYS A 228 22.43 -30.73 0.81
CA LYS A 228 23.42 -29.89 1.47
C LYS A 228 22.94 -29.41 2.84
N VAL A 229 22.68 -30.36 3.75
CA VAL A 229 22.23 -30.05 5.11
C VAL A 229 23.40 -29.63 6.01
N ASN A 230 23.27 -28.48 6.68
CA ASN A 230 24.30 -27.97 7.58
C ASN A 230 23.79 -27.96 9.02
N ALA A 231 24.07 -29.02 9.77
CA ALA A 231 23.63 -29.11 11.16
C ALA A 231 24.64 -29.91 12.02
N ASP A 232 24.50 -29.88 13.37
CA ASP A 232 25.34 -30.64 14.31
C ASP A 232 25.35 -32.11 13.93
N GLU A 233 26.55 -32.67 13.67
CA GLU A 233 26.71 -34.09 13.31
C GLU A 233 26.42 -35.06 14.48
N ARG A 234 26.36 -34.54 15.70
CA ARG A 234 26.04 -35.33 16.89
C ARG A 234 24.52 -35.67 16.95
N MET A 235 23.68 -34.81 16.33
CA MET A 235 22.23 -34.91 16.25
C MET A 235 21.78 -35.75 15.01
N LYS A 236 20.45 -35.85 14.76
CA LYS A 236 19.90 -36.59 13.63
C LYS A 236 18.60 -35.95 13.13
N VAL A 239 12.78 -34.89 9.38
CA VAL A 239 11.85 -34.18 8.50
C VAL A 239 10.38 -34.32 8.99
N GLN A 240 9.63 -33.21 8.97
CA GLN A 240 8.21 -33.20 9.34
C GLN A 240 7.41 -32.74 8.12
N ALA A 241 6.40 -33.49 7.72
CA ALA A 241 5.58 -33.14 6.57
C ALA A 241 4.10 -32.95 6.99
N GLY A 242 3.38 -32.08 6.29
CA GLY A 242 1.99 -31.82 6.60
C GLY A 242 1.21 -31.35 5.40
N LEU A 243 -0.10 -31.67 5.35
CA LEU A 243 -0.94 -31.25 4.24
C LEU A 243 -1.84 -30.12 4.68
N PHE A 244 -1.82 -29.01 3.95
CA PHE A 244 -2.58 -27.81 4.29
C PHE A 244 -3.45 -27.26 3.18
N HIS A 245 -4.57 -26.65 3.55
CA HIS A 245 -5.44 -25.95 2.64
C HIS A 245 -5.52 -24.55 3.28
N GLY A 246 -4.49 -23.76 3.06
CA GLY A 246 -4.38 -22.46 3.71
C GLY A 246 -3.81 -22.66 5.10
N ASN A 247 -4.53 -22.19 6.12
CA ASN A 247 -4.08 -22.35 7.51
C ASN A 247 -4.47 -23.71 8.09
N GLU A 248 -5.60 -24.27 7.65
CA GLU A 248 -6.10 -25.53 8.16
C GLU A 248 -5.35 -26.78 7.68
N MET A 249 -5.13 -27.70 8.61
CA MET A 249 -4.52 -28.98 8.31
C MET A 249 -5.58 -29.89 7.64
N LEU A 250 -5.20 -30.55 6.54
CA LEU A 250 -6.09 -31.47 5.84
C LEU A 250 -6.11 -32.86 6.53
N CYS A 251 -5.04 -33.18 7.28
CA CYS A 251 -4.86 -34.38 8.09
C CYS A 251 -3.71 -34.18 9.11
N LYS A 252 -3.52 -35.14 10.03
CA LYS A 252 -2.46 -35.07 11.04
C LYS A 252 -1.07 -34.97 10.39
N THR A 253 -0.12 -34.33 11.08
CA THR A 253 1.25 -34.22 10.58
C THR A 253 1.90 -35.59 10.51
N VAL A 254 2.72 -35.84 9.48
CA VAL A 254 3.42 -37.11 9.31
C VAL A 254 4.92 -36.85 9.28
N SER A 255 5.68 -37.48 10.19
CA SER A 255 7.12 -37.28 10.33
C SER A 255 7.96 -38.43 9.78
N SER A 256 9.26 -38.18 9.56
CA SER A 256 10.19 -39.23 9.12
C SER A 256 10.69 -40.02 10.33
N CYS A 262 25.39 -36.92 8.71
CA CYS A 262 24.53 -35.80 9.10
C CYS A 262 24.41 -34.70 8.01
N SER A 263 24.90 -34.99 6.79
CA SER A 263 24.85 -34.14 5.60
C SER A 263 24.61 -35.09 4.41
N GLU A 264 23.80 -34.66 3.42
CA GLU A 264 23.38 -35.51 2.29
C GLU A 264 22.67 -36.76 2.81
N PRO A 265 21.47 -36.58 3.39
CA PRO A 265 20.77 -37.72 3.99
C PRO A 265 19.96 -38.55 3.01
N VAL A 266 19.89 -39.84 3.29
CA VAL A 266 19.12 -40.78 2.49
C VAL A 266 18.03 -41.36 3.36
N TRP A 267 16.76 -41.13 3.01
CA TRP A 267 15.66 -41.67 3.78
C TRP A 267 15.04 -42.93 3.15
N LYS A 268 14.54 -42.81 1.91
CA LYS A 268 13.88 -43.89 1.17
C LYS A 268 12.71 -44.47 1.99
N GLN A 269 11.89 -43.55 2.56
CA GLN A 269 10.73 -43.83 3.42
C GLN A 269 9.42 -43.49 2.75
N ARG A 270 8.39 -44.32 2.96
CA ARG A 270 7.05 -44.08 2.44
C ARG A 270 6.29 -43.20 3.43
N LEU A 271 5.90 -41.99 3.00
CA LEU A 271 5.14 -41.10 3.87
C LEU A 271 3.68 -41.09 3.42
N GLU A 272 2.80 -41.72 4.20
CA GLU A 272 1.37 -41.78 3.87
C GLU A 272 0.50 -40.89 4.77
N PHE A 273 -0.44 -40.15 4.17
CA PHE A 273 -1.33 -39.23 4.89
C PHE A 273 -2.70 -39.86 5.17
N ASP A 274 -3.35 -39.45 6.27
CA ASP A 274 -4.68 -39.97 6.60
C ASP A 274 -5.73 -39.11 5.89
N ILE A 275 -5.81 -39.29 4.57
CA ILE A 275 -6.71 -38.62 3.62
C ILE A 275 -6.56 -39.34 2.27
N SER A 276 -7.66 -39.63 1.57
CA SER A 276 -7.56 -40.31 0.28
C SER A 276 -7.23 -39.31 -0.85
N VAL A 277 -6.70 -39.79 -1.99
CA VAL A 277 -6.30 -38.90 -3.09
C VAL A 277 -7.52 -38.16 -3.71
N CYS A 278 -8.73 -38.72 -3.55
CA CYS A 278 -9.93 -38.08 -4.08
C CYS A 278 -10.37 -36.87 -3.23
N ASP A 279 -9.97 -36.83 -1.94
CA ASP A 279 -10.35 -35.74 -1.03
C ASP A 279 -9.41 -34.53 -1.04
N LEU A 280 -8.41 -34.53 -1.92
CA LEU A 280 -7.47 -33.42 -2.02
C LEU A 280 -8.14 -32.23 -2.68
N PRO A 281 -8.22 -31.08 -2.00
CA PRO A 281 -8.81 -29.91 -2.67
C PRO A 281 -7.85 -29.35 -3.73
N ARG A 282 -8.40 -28.63 -4.70
CA ARG A 282 -7.62 -28.09 -5.82
C ARG A 282 -6.40 -27.29 -5.37
N MET A 283 -6.48 -26.66 -4.21
CA MET A 283 -5.40 -25.84 -3.66
C MET A 283 -4.64 -26.51 -2.51
N ALA A 284 -4.55 -27.84 -2.52
CA ALA A 284 -3.79 -28.57 -1.50
C ALA A 284 -2.27 -28.27 -1.59
N ARG A 285 -1.66 -28.01 -0.42
CA ARG A 285 -0.26 -27.70 -0.21
C ARG A 285 0.45 -28.77 0.62
N LEU A 286 1.59 -29.30 0.13
CA LEU A 286 2.40 -30.25 0.88
C LEU A 286 3.52 -29.39 1.47
N CYS A 287 3.61 -29.34 2.81
CA CYS A 287 4.57 -28.50 3.51
C CYS A 287 5.61 -29.33 4.26
N PHE A 288 6.90 -29.04 4.02
CA PHE A 288 8.01 -29.76 4.63
C PHE A 288 8.84 -28.91 5.59
N ALA A 289 9.40 -29.55 6.61
CA ALA A 289 10.29 -28.89 7.57
C ALA A 289 11.44 -29.82 7.99
N LEU A 290 12.65 -29.47 7.53
CA LEU A 290 13.88 -30.16 7.86
C LEU A 290 14.44 -29.54 9.14
N TYR A 291 14.54 -30.34 10.20
CA TYR A 291 15.04 -29.85 11.48
C TYR A 291 16.05 -30.86 12.10
N ALA A 292 16.47 -30.68 13.37
CA ALA A 292 17.40 -31.62 14.00
C ALA A 292 17.02 -31.91 15.45
N VAL A 293 17.10 -33.19 15.84
CA VAL A 293 16.76 -33.63 17.20
C VAL A 293 17.99 -33.55 18.09
N ALA A 310 16.65 -29.29 23.01
CA ALA A 310 15.60 -28.52 22.34
C ALA A 310 15.77 -28.49 20.81
N ASP A 311 14.67 -28.25 20.09
CA ASP A 311 14.60 -28.26 18.63
C ASP A 311 15.49 -27.24 17.92
N CYS A 312 16.17 -27.67 16.86
CA CYS A 312 17.00 -26.78 16.06
C CYS A 312 16.50 -26.77 14.62
N PRO A 313 15.79 -25.70 14.20
CA PRO A 313 15.26 -25.68 12.82
C PRO A 313 16.32 -25.35 11.78
N ILE A 314 16.31 -26.07 10.66
CA ILE A 314 17.26 -25.84 9.58
C ILE A 314 16.60 -25.18 8.35
N ALA A 315 15.63 -25.86 7.71
CA ALA A 315 15.02 -25.34 6.49
C ALA A 315 13.52 -25.76 6.31
N TRP A 316 12.80 -25.10 5.37
CA TRP A 316 11.41 -25.46 5.04
C TRP A 316 11.20 -25.40 3.50
N ALA A 317 10.12 -26.04 3.00
CA ALA A 317 9.78 -26.03 1.57
C ALA A 317 8.33 -26.42 1.35
N ASN A 318 7.59 -25.69 0.52
CA ASN A 318 6.20 -26.02 0.22
C ASN A 318 5.98 -26.23 -1.28
N LEU A 319 4.95 -26.98 -1.65
CA LEU A 319 4.59 -27.18 -3.05
C LEU A 319 3.11 -27.51 -3.20
N MET A 320 2.53 -27.11 -4.32
CA MET A 320 1.13 -27.43 -4.63
C MET A 320 1.09 -28.85 -5.18
N LEU A 321 0.04 -29.61 -4.82
CA LEU A 321 -0.12 -30.98 -5.32
C LEU A 321 -0.55 -30.98 -6.78
N PHE A 322 -1.37 -30.02 -7.20
CA PHE A 322 -1.72 -29.87 -8.61
C PHE A 322 -0.93 -28.68 -9.18
N ASP A 323 -0.50 -28.79 -10.43
CA ASP A 323 0.24 -27.72 -11.11
C ASP A 323 -0.72 -26.64 -11.66
N TYR A 324 -0.18 -25.63 -12.37
CA TYR A 324 -1.00 -24.55 -12.92
C TYR A 324 -1.97 -25.00 -14.02
N LYS A 325 -1.77 -26.21 -14.58
CA LYS A 325 -2.65 -26.74 -15.61
C LYS A 325 -3.71 -27.72 -15.07
N ASP A 326 -4.01 -27.64 -13.76
CA ASP A 326 -5.00 -28.44 -13.05
C ASP A 326 -4.67 -29.94 -12.93
N GLN A 327 -3.50 -30.36 -13.44
CA GLN A 327 -3.11 -31.76 -13.38
C GLN A 327 -2.42 -32.12 -12.08
N LEU A 328 -2.72 -33.31 -11.55
CA LEU A 328 -2.10 -33.79 -10.32
C LEU A 328 -0.64 -34.09 -10.60
N LYS A 329 0.26 -33.63 -9.73
CA LYS A 329 1.70 -33.86 -9.90
C LYS A 329 2.00 -35.32 -9.63
N THR A 330 2.61 -35.99 -10.60
CA THR A 330 2.91 -37.42 -10.45
C THR A 330 4.29 -37.77 -11.00
N GLY A 331 5.34 -37.21 -10.40
CA GLY A 331 6.71 -37.53 -10.79
C GLY A 331 7.74 -37.12 -9.76
N GLU A 332 9.05 -37.20 -10.13
CA GLU A 332 10.17 -36.81 -9.26
C GLU A 332 10.23 -35.31 -9.05
N ARG A 333 10.74 -34.87 -7.89
CA ARG A 333 10.83 -33.44 -7.58
C ARG A 333 12.01 -33.16 -6.67
N CYS A 334 12.76 -32.09 -6.96
CA CYS A 334 13.88 -31.67 -6.12
C CYS A 334 13.42 -30.38 -5.45
N LEU A 335 13.49 -30.30 -4.12
CA LEU A 335 13.00 -29.12 -3.41
C LEU A 335 14.09 -28.24 -2.82
N TYR A 336 14.38 -27.11 -3.47
CA TYR A 336 15.39 -26.19 -2.97
C TYR A 336 14.78 -25.42 -1.80
N MET A 337 15.28 -25.71 -0.60
CA MET A 337 14.72 -25.19 0.64
C MET A 337 15.20 -23.83 1.09
N TRP A 338 14.29 -23.10 1.77
CA TRP A 338 14.50 -21.78 2.35
C TRP A 338 14.96 -21.99 3.79
N PRO A 339 16.01 -21.28 4.24
CA PRO A 339 16.51 -21.51 5.61
C PRO A 339 15.62 -20.94 6.71
N SER A 340 15.71 -21.49 7.93
CA SER A 340 14.89 -21.04 9.06
C SER A 340 15.75 -20.29 10.07
N LEU A 348 7.25 -24.54 13.11
CA LEU A 348 8.24 -25.27 12.29
C LEU A 348 7.73 -25.38 10.84
N LEU A 349 6.55 -26.01 10.64
CA LEU A 349 5.92 -26.05 9.31
C LEU A 349 5.46 -24.64 8.96
N ASN A 350 5.62 -24.21 7.72
CA ASN A 350 5.28 -22.84 7.33
C ASN A 350 4.30 -22.80 6.14
N PRO A 351 2.99 -23.04 6.36
CA PRO A 351 2.04 -23.09 5.22
C PRO A 351 1.89 -21.80 4.43
N ALA A 352 2.00 -20.63 5.07
CA ALA A 352 1.87 -19.36 4.36
C ALA A 352 3.03 -19.07 3.39
N GLY A 353 4.20 -19.65 3.67
CA GLY A 353 5.38 -19.48 2.83
C GLY A 353 5.19 -19.85 1.38
N THR A 354 5.91 -19.19 0.46
CA THR A 354 5.84 -19.41 -0.98
C THR A 354 5.95 -20.90 -1.37
N VAL A 355 5.27 -21.25 -2.47
CA VAL A 355 5.28 -22.58 -3.06
C VAL A 355 6.33 -22.74 -4.16
N ARG A 356 7.29 -21.82 -4.27
CA ARG A 356 8.36 -21.93 -5.26
C ARG A 356 9.68 -22.19 -4.54
N GLY A 357 10.56 -22.93 -5.18
CA GLY A 357 11.85 -23.28 -4.60
C GLY A 357 12.81 -22.12 -4.47
N ASN A 358 13.81 -22.28 -3.60
CA ASN A 358 14.84 -21.28 -3.34
C ASN A 358 15.69 -21.13 -4.62
N PRO A 359 15.86 -19.90 -5.10
CA PRO A 359 16.65 -19.68 -6.34
C PRO A 359 18.14 -19.93 -6.20
N ASN A 360 18.65 -19.81 -4.97
CA ASN A 360 20.05 -20.06 -4.66
C ASN A 360 20.28 -21.58 -4.58
N THR A 361 20.18 -22.27 -5.72
CA THR A 361 20.36 -23.72 -5.82
C THR A 361 21.79 -24.21 -5.49
N GLU A 362 22.77 -23.29 -5.43
CA GLU A 362 24.15 -23.68 -5.14
C GLU A 362 24.42 -23.88 -3.65
N SER A 363 23.80 -23.08 -2.78
CA SER A 363 24.04 -23.20 -1.34
C SER A 363 22.87 -23.79 -0.52
N ALA A 364 21.63 -23.63 -0.99
CA ALA A 364 20.46 -24.14 -0.27
C ALA A 364 20.41 -25.65 -0.11
N ALA A 365 19.87 -26.10 1.02
CA ALA A 365 19.64 -27.50 1.33
C ALA A 365 18.51 -28.00 0.42
N ALA A 366 18.60 -29.25 -0.08
CA ALA A 366 17.58 -29.78 -0.98
C ALA A 366 16.97 -31.09 -0.48
N LEU A 367 15.70 -31.33 -0.82
CA LEU A 367 15.02 -32.55 -0.42
C LEU A 367 14.52 -33.25 -1.66
N VAL A 368 14.87 -34.52 -1.83
CA VAL A 368 14.44 -35.31 -2.98
C VAL A 368 13.11 -35.97 -2.66
N ILE A 369 12.12 -35.75 -3.52
CA ILE A 369 10.78 -36.29 -3.31
C ILE A 369 10.22 -36.98 -4.57
N TYR A 370 9.32 -37.96 -4.42
CA TYR A 370 8.72 -38.63 -5.57
C TYR A 370 7.22 -38.71 -5.39
N LEU A 371 6.44 -38.18 -6.35
CA LEU A 371 4.99 -38.26 -6.30
C LEU A 371 4.58 -39.50 -7.12
N PRO A 372 4.02 -40.54 -6.49
CA PRO A 372 3.69 -41.76 -7.26
C PRO A 372 2.55 -41.54 -8.26
N GLU A 373 2.57 -42.31 -9.36
CA GLU A 373 1.56 -42.23 -10.41
C GLU A 373 0.30 -42.91 -9.95
N VAL A 374 -0.72 -42.14 -9.53
CA VAL A 374 -1.97 -42.70 -9.02
C VAL A 374 -2.88 -43.32 -10.10
N ALA A 375 -2.52 -43.21 -11.39
CA ALA A 375 -3.34 -43.77 -12.47
C ALA A 375 -2.49 -44.07 -13.70
N PRO A 378 -3.77 -39.65 -17.27
CA PRO A 378 -3.53 -38.56 -16.32
C PRO A 378 -4.76 -38.21 -15.49
N VAL A 379 -4.57 -37.43 -14.43
CA VAL A 379 -5.66 -37.05 -13.55
C VAL A 379 -5.69 -35.54 -13.32
N TYR A 380 -6.69 -34.86 -13.90
CA TYR A 380 -6.91 -33.43 -13.78
C TYR A 380 -7.99 -33.14 -12.72
N PHE A 381 -8.04 -31.91 -12.19
CA PHE A 381 -9.06 -31.56 -11.23
C PHE A 381 -10.38 -31.46 -11.97
N PRO A 382 -11.47 -32.03 -11.44
CA PRO A 382 -12.76 -31.97 -12.14
C PRO A 382 -13.18 -30.56 -12.53
N ALA A 383 -13.67 -30.38 -13.77
CA ALA A 383 -14.09 -29.07 -14.25
C ALA A 383 -15.38 -28.59 -13.56
N LEU A 384 -15.62 -27.27 -13.58
CA LEU A 384 -16.79 -26.63 -12.99
C LEU A 384 -18.11 -27.33 -13.26
N GLU A 385 -18.33 -27.83 -14.48
CA GLU A 385 -19.56 -28.53 -14.84
C GLU A 385 -19.75 -29.81 -14.01
N LYS A 386 -18.68 -30.61 -13.84
CA LYS A 386 -18.71 -31.84 -13.05
C LYS A 386 -18.90 -31.54 -11.56
N ILE A 387 -18.31 -30.43 -11.07
CA ILE A 387 -18.40 -30.01 -9.67
C ILE A 387 -19.81 -29.54 -9.33
N LEU A 388 -20.39 -28.68 -10.19
CA LEU A 388 -21.76 -28.17 -10.03
C LEU A 388 -22.80 -29.29 -10.13
N GLU A 389 -22.49 -30.36 -10.87
CA GLU A 389 -23.38 -31.49 -10.98
C GLU A 389 -23.39 -32.29 -9.68
N LEU A 390 -22.23 -32.42 -9.00
CA LEU A 390 -22.15 -33.17 -7.76
C LEU A 390 -22.69 -32.36 -6.56
N GLY A 391 -22.40 -31.07 -6.55
CA GLY A 391 -22.85 -30.17 -5.48
C GLY A 391 -24.30 -29.76 -5.55
N ARG A 392 -24.95 -29.97 -6.71
CA ARG A 392 -26.36 -29.64 -6.95
C ARG A 392 -27.31 -30.38 -6.04
N HIS A 393 -26.97 -31.61 -5.67
CA HIS A 393 -27.82 -32.46 -4.85
C HIS A 393 -27.57 -32.30 -3.36
N GLY A 394 -28.66 -32.10 -2.62
CA GLY A 394 -28.63 -31.89 -1.17
C GLY A 394 -30.02 -31.64 -0.60
N GLU A 395 -30.11 -30.68 0.34
CA GLU A 395 -31.37 -30.29 0.99
C GLU A 395 -31.23 -28.92 1.65
N LEU A 407 -31.59 -19.69 15.90
CA LEU A 407 -30.37 -20.33 16.38
C LEU A 407 -29.13 -19.88 15.58
N ARG A 408 -29.24 -19.87 14.25
CA ARG A 408 -28.16 -19.45 13.37
C ARG A 408 -27.92 -17.94 13.43
N GLU A 409 -28.97 -17.14 13.73
CA GLU A 409 -28.89 -15.69 13.84
C GLU A 409 -28.03 -15.28 15.02
N ILE A 410 -28.11 -16.02 16.13
CA ILE A 410 -27.30 -15.76 17.32
C ILE A 410 -25.82 -16.15 17.10
N LEU A 411 -25.57 -17.14 16.23
CA LEU A 411 -24.23 -17.59 15.89
C LEU A 411 -23.50 -16.57 15.01
N GLU A 412 -24.23 -15.90 14.10
CA GLU A 412 -23.62 -14.93 13.20
C GLU A 412 -23.59 -13.50 13.78
N ARG A 413 -22.51 -13.18 14.51
CA ARG A 413 -22.32 -11.88 15.13
C ARG A 413 -21.21 -11.10 14.44
N LEU A 419 -16.45 -20.16 17.07
CA LEU A 419 -17.63 -21.01 17.11
C LEU A 419 -17.33 -22.35 17.77
N TYR A 420 -18.28 -22.89 18.54
CA TYR A 420 -18.12 -24.18 19.21
C TYR A 420 -18.28 -25.34 18.21
N GLU A 421 -17.90 -26.57 18.59
CA GLU A 421 -18.00 -27.73 17.70
C GLU A 421 -19.42 -27.95 17.18
N HIS A 422 -20.43 -27.89 18.07
CA HIS A 422 -21.84 -28.06 17.69
C HIS A 422 -22.35 -26.86 16.87
N GLU A 423 -21.84 -25.66 17.11
CA GLU A 423 -22.24 -24.48 16.37
C GLU A 423 -21.80 -24.55 14.90
N LYS A 424 -20.72 -25.29 14.60
CA LYS A 424 -20.25 -25.45 13.23
C LYS A 424 -21.16 -26.41 12.43
N ASP A 425 -21.83 -27.35 13.12
CA ASP A 425 -22.75 -28.29 12.48
C ASP A 425 -24.08 -27.62 12.09
N LEU A 426 -24.51 -26.60 12.84
CA LEU A 426 -25.75 -25.90 12.52
C LEU A 426 -25.53 -24.79 11.46
N VAL A 427 -24.29 -24.31 11.29
CA VAL A 427 -24.00 -23.35 10.23
C VAL A 427 -24.00 -24.12 8.90
N TRP A 428 -23.33 -25.28 8.86
CA TRP A 428 -23.25 -26.12 7.66
C TRP A 428 -24.60 -26.66 7.26
N LYS A 429 -25.43 -27.10 8.22
CA LYS A 429 -26.75 -27.64 7.93
C LYS A 429 -27.67 -26.61 7.30
N MET A 430 -27.60 -25.36 7.75
CA MET A 430 -28.44 -24.31 7.22
C MET A 430 -27.69 -23.41 6.24
N ARG A 431 -26.77 -24.01 5.44
CA ARG A 431 -25.96 -23.30 4.46
C ARG A 431 -26.77 -22.59 3.37
N HIS A 432 -27.92 -23.16 2.97
CA HIS A 432 -28.81 -22.55 1.97
C HIS A 432 -29.51 -21.33 2.57
N GLU A 433 -29.94 -21.43 3.84
CA GLU A 433 -30.55 -20.31 4.57
C GLU A 433 -29.51 -19.17 4.78
N VAL A 434 -28.21 -19.54 4.87
CA VAL A 434 -27.10 -18.63 5.00
C VAL A 434 -26.91 -17.86 3.68
N GLN A 435 -27.04 -18.53 2.54
CA GLN A 435 -26.95 -17.88 1.24
C GLN A 435 -28.16 -16.99 0.95
N GLU A 436 -29.38 -17.48 1.21
CA GLU A 436 -30.59 -16.73 0.91
C GLU A 436 -30.92 -15.61 1.90
N HIS A 437 -30.51 -15.72 3.17
CA HIS A 437 -30.88 -14.72 4.17
C HIS A 437 -29.70 -14.06 4.90
N PHE A 438 -28.47 -14.54 4.69
CA PHE A 438 -27.29 -13.92 5.32
C PHE A 438 -26.09 -13.99 4.36
N PRO A 439 -26.21 -13.43 3.14
CA PRO A 439 -25.10 -13.54 2.18
C PRO A 439 -23.76 -13.00 2.67
N GLU A 440 -23.80 -11.99 3.54
CA GLU A 440 -22.56 -11.40 4.07
C GLU A 440 -21.83 -12.29 5.09
N ALA A 441 -22.48 -13.39 5.53
CA ALA A 441 -21.85 -14.35 6.45
C ALA A 441 -21.15 -15.50 5.69
N LEU A 442 -20.83 -15.29 4.39
CA LEU A 442 -20.14 -16.26 3.53
C LEU A 442 -18.85 -16.79 4.15
N ALA A 443 -17.98 -15.91 4.64
CA ALA A 443 -16.71 -16.28 5.26
C ALA A 443 -16.86 -17.22 6.45
N ARG A 444 -17.92 -17.03 7.26
CA ARG A 444 -18.17 -17.89 8.41
C ARG A 444 -18.48 -19.31 7.96
N LEU A 445 -19.26 -19.44 6.87
CA LEU A 445 -19.65 -20.72 6.28
C LEU A 445 -18.45 -21.42 5.62
N LEU A 446 -17.59 -20.64 4.96
CA LEU A 446 -16.38 -21.17 4.33
C LEU A 446 -15.40 -21.76 5.36
N LEU A 447 -15.34 -21.16 6.56
CA LEU A 447 -14.47 -21.58 7.66
C LEU A 447 -14.92 -22.91 8.29
N VAL A 448 -16.23 -23.23 8.22
CA VAL A 448 -16.73 -24.47 8.80
C VAL A 448 -16.80 -25.64 7.78
N THR A 449 -16.70 -25.33 6.47
CA THR A 449 -16.67 -26.33 5.41
C THR A 449 -15.52 -27.30 5.61
N LYS A 450 -15.79 -28.59 5.50
CA LYS A 450 -14.79 -29.64 5.64
C LYS A 450 -14.01 -29.68 4.34
N TRP A 451 -12.93 -28.90 4.25
CA TRP A 451 -12.13 -28.84 3.03
C TRP A 451 -11.38 -30.14 2.72
N ASN A 452 -11.34 -31.10 3.66
CA ASN A 452 -10.72 -32.40 3.43
C ASN A 452 -11.75 -33.47 3.06
N LYS A 453 -12.90 -33.06 2.50
CA LYS A 453 -13.99 -33.95 2.08
C LYS A 453 -14.49 -33.39 0.76
N HIS A 454 -14.22 -34.08 -0.36
CA HIS A 454 -14.57 -33.54 -1.68
C HIS A 454 -16.07 -33.30 -1.87
N GLU A 455 -16.89 -34.14 -1.25
CA GLU A 455 -18.35 -34.02 -1.33
C GLU A 455 -18.81 -32.69 -0.71
N ASP A 456 -18.19 -32.29 0.41
CA ASP A 456 -18.54 -31.04 1.10
C ASP A 456 -18.09 -29.81 0.32
N VAL A 457 -16.96 -29.90 -0.38
CA VAL A 457 -16.43 -28.79 -1.18
C VAL A 457 -17.33 -28.48 -2.38
N ALA A 458 -17.73 -29.52 -3.12
CA ALA A 458 -18.62 -29.40 -4.27
C ALA A 458 -19.95 -28.71 -3.92
N GLN A 459 -20.54 -29.07 -2.76
CA GLN A 459 -21.77 -28.43 -2.32
C GLN A 459 -21.54 -26.96 -1.91
N MET A 460 -20.39 -26.66 -1.31
CA MET A 460 -20.04 -25.27 -0.95
C MET A 460 -19.90 -24.44 -2.24
N LEU A 461 -19.18 -24.99 -3.22
CA LEU A 461 -18.95 -24.37 -4.53
C LEU A 461 -20.26 -24.21 -5.32
N TYR A 462 -21.22 -25.13 -5.13
CA TYR A 462 -22.52 -25.02 -5.79
C TYR A 462 -23.25 -23.76 -5.30
N LEU A 463 -23.22 -23.50 -3.99
CA LEU A 463 -23.85 -22.29 -3.41
C LEU A 463 -23.06 -21.06 -3.81
N LEU A 464 -21.72 -21.14 -3.76
CA LEU A 464 -20.82 -20.05 -4.08
C LEU A 464 -20.96 -19.55 -5.51
N CYS A 465 -21.19 -20.46 -6.47
CA CYS A 465 -21.37 -20.10 -7.88
C CYS A 465 -22.65 -19.28 -8.15
N SER A 466 -23.61 -19.30 -7.22
CA SER A 466 -24.82 -18.49 -7.35
C SER A 466 -24.97 -17.47 -6.20
N TRP A 467 -23.89 -17.24 -5.42
CA TRP A 467 -23.90 -16.32 -4.28
C TRP A 467 -23.88 -14.89 -4.81
N PRO A 468 -24.73 -14.01 -4.25
CA PRO A 468 -24.73 -12.61 -4.70
C PRO A 468 -23.44 -11.89 -4.32
N GLU A 469 -23.10 -10.82 -5.06
CA GLU A 469 -21.91 -10.04 -4.77
C GLU A 469 -21.98 -9.43 -3.36
N LEU A 470 -20.82 -9.33 -2.73
CA LEU A 470 -20.70 -8.81 -1.38
C LEU A 470 -20.06 -7.45 -1.38
N PRO A 471 -20.32 -6.63 -0.36
CA PRO A 471 -19.64 -5.32 -0.27
C PRO A 471 -18.12 -5.49 -0.19
N VAL A 472 -17.39 -4.44 -0.60
CA VAL A 472 -15.94 -4.38 -0.60
C VAL A 472 -15.33 -4.82 0.73
N LEU A 473 -15.94 -4.39 1.86
CA LEU A 473 -15.44 -4.77 3.19
C LEU A 473 -15.43 -6.31 3.36
N SER A 474 -16.50 -6.96 2.93
CA SER A 474 -16.61 -8.42 2.99
C SER A 474 -15.62 -9.09 2.01
N ALA A 475 -15.42 -8.51 0.82
CA ALA A 475 -14.49 -9.01 -0.19
C ALA A 475 -13.05 -8.95 0.28
N LEU A 476 -12.67 -7.88 1.04
CA LEU A 476 -11.29 -7.74 1.56
C LEU A 476 -10.96 -8.83 2.59
N GLU A 477 -11.99 -9.28 3.33
CA GLU A 477 -11.81 -10.36 4.29
C GLU A 477 -11.55 -11.69 3.53
N LEU A 478 -12.27 -11.90 2.42
CA LEU A 478 -12.13 -13.11 1.61
C LEU A 478 -10.78 -13.26 0.94
N LEU A 479 -10.00 -12.17 0.83
CA LEU A 479 -8.66 -12.21 0.26
C LEU A 479 -7.61 -12.76 1.21
N ASP A 480 -7.95 -13.01 2.49
CA ASP A 480 -6.99 -13.52 3.45
C ASP A 480 -6.50 -14.95 3.13
N PHE A 481 -5.33 -15.33 3.65
CA PHE A 481 -4.77 -16.66 3.47
C PHE A 481 -5.69 -17.77 4.00
N SER A 482 -6.62 -17.44 4.91
CA SER A 482 -7.64 -18.35 5.42
C SER A 482 -8.58 -18.84 4.30
N PHE A 483 -8.60 -18.18 3.12
CA PHE A 483 -9.47 -18.58 2.03
C PHE A 483 -8.65 -18.87 0.79
N PRO A 484 -7.97 -20.02 0.73
CA PRO A 484 -7.08 -20.29 -0.41
C PRO A 484 -7.73 -20.83 -1.68
N ASP A 485 -9.02 -21.22 -1.65
CA ASP A 485 -9.66 -21.78 -2.84
C ASP A 485 -9.74 -20.80 -4.02
N CYS A 486 -9.47 -21.31 -5.22
CA CYS A 486 -9.46 -20.53 -6.47
C CYS A 486 -10.80 -19.89 -6.79
N TYR A 487 -11.91 -20.61 -6.54
CA TYR A 487 -13.23 -20.08 -6.81
C TYR A 487 -13.63 -19.03 -5.79
N VAL A 488 -13.26 -19.24 -4.51
CA VAL A 488 -13.52 -18.25 -3.46
C VAL A 488 -12.74 -16.97 -3.74
N GLY A 489 -11.49 -17.11 -4.20
CA GLY A 489 -10.64 -15.98 -4.55
C GLY A 489 -11.13 -15.20 -5.76
N SER A 490 -11.63 -15.91 -6.78
CA SER A 490 -12.21 -15.32 -7.99
C SER A 490 -13.52 -14.58 -7.65
N PHE A 491 -14.32 -15.12 -6.71
CA PHE A 491 -15.55 -14.47 -6.23
C PHE A 491 -15.18 -13.18 -5.50
N ALA A 492 -14.10 -13.20 -4.69
CA ALA A 492 -13.64 -12.04 -3.95
C ALA A 492 -13.18 -10.92 -4.89
N ILE A 493 -12.49 -11.26 -5.99
CA ILE A 493 -12.07 -10.28 -6.98
C ILE A 493 -13.31 -9.71 -7.70
N LYS A 494 -14.27 -10.58 -8.02
CA LYS A 494 -15.52 -10.16 -8.68
C LYS A 494 -16.28 -9.15 -7.81
N SER A 495 -16.25 -9.33 -6.49
CA SER A 495 -16.86 -8.35 -5.58
C SER A 495 -16.01 -7.07 -5.45
N LEU A 496 -14.69 -7.16 -5.69
CA LEU A 496 -13.79 -6.01 -5.64
C LEU A 496 -13.77 -5.18 -6.92
N ARG A 497 -14.44 -5.61 -8.00
CA ARG A 497 -14.46 -4.86 -9.25
C ARG A 497 -15.21 -3.51 -9.11
N LYS A 498 -16.13 -3.41 -8.15
CA LYS A 498 -16.88 -2.18 -7.92
C LYS A 498 -16.10 -1.14 -7.12
N LEU A 499 -14.82 -1.41 -6.77
CA LEU A 499 -13.96 -0.47 -6.05
C LEU A 499 -13.71 0.72 -6.98
N THR A 500 -13.81 1.90 -6.44
CA THR A 500 -13.50 3.11 -7.18
C THR A 500 -11.96 3.15 -7.29
N ASP A 501 -11.41 3.96 -8.21
CA ASP A 501 -9.97 4.11 -8.31
C ASP A 501 -9.37 4.71 -7.04
N ASP A 502 -10.13 5.56 -6.33
CA ASP A 502 -9.69 6.16 -5.07
C ASP A 502 -9.60 5.11 -3.97
N GLU A 503 -10.63 4.22 -3.85
CA GLU A 503 -10.61 3.16 -2.85
C GLU A 503 -9.52 2.13 -3.19
N LEU A 504 -9.36 1.82 -4.47
CA LEU A 504 -8.33 0.91 -4.95
C LEU A 504 -6.95 1.44 -4.56
N PHE A 505 -6.73 2.75 -4.75
CA PHE A 505 -5.46 3.36 -4.39
C PHE A 505 -5.22 3.24 -2.87
N GLN A 506 -6.24 3.52 -2.07
CA GLN A 506 -6.18 3.42 -0.61
C GLN A 506 -5.79 2.01 -0.12
N TYR A 507 -6.27 0.94 -0.78
CA TYR A 507 -5.96 -0.45 -0.39
C TYR A 507 -4.91 -1.13 -1.25
N LEU A 508 -4.28 -0.42 -2.20
CA LEU A 508 -3.30 -1.00 -3.13
C LEU A 508 -2.13 -1.73 -2.45
N LEU A 509 -1.56 -1.15 -1.40
CA LEU A 509 -0.43 -1.75 -0.68
C LEU A 509 -0.79 -3.17 -0.19
N GLN A 510 -2.00 -3.35 0.36
CA GLN A 510 -2.45 -4.64 0.85
C GLN A 510 -2.69 -5.63 -0.28
N LEU A 511 -3.27 -5.20 -1.40
CA LEU A 511 -3.52 -6.06 -2.55
C LEU A 511 -2.22 -6.57 -3.15
N VAL A 512 -1.16 -5.74 -3.14
CA VAL A 512 0.16 -6.18 -3.61
C VAL A 512 0.73 -7.25 -2.66
N GLN A 513 0.60 -7.08 -1.34
CA GLN A 513 1.14 -8.05 -0.38
C GLN A 513 0.43 -9.41 -0.48
N VAL A 514 -0.85 -9.39 -0.82
CA VAL A 514 -1.67 -10.59 -1.02
C VAL A 514 -1.15 -11.44 -2.21
N LEU A 515 -0.38 -10.84 -3.15
CA LEU A 515 0.24 -11.60 -4.24
C LEU A 515 1.22 -12.65 -3.71
N LYS A 516 1.83 -12.42 -2.53
CA LYS A 516 2.76 -13.36 -1.89
C LYS A 516 2.09 -14.65 -1.39
N TYR A 517 0.77 -14.64 -1.22
CA TYR A 517 -0.01 -15.81 -0.81
C TYR A 517 -0.40 -16.67 -2.03
N GLU A 518 -0.36 -16.11 -3.26
CA GLU A 518 -0.78 -16.80 -4.46
C GLU A 518 0.04 -18.02 -4.73
N SER A 519 -0.64 -19.06 -5.19
CA SER A 519 -0.05 -20.36 -5.48
C SER A 519 0.47 -20.44 -6.90
N TYR A 520 -0.16 -19.73 -7.85
CA TYR A 520 0.27 -19.75 -9.25
C TYR A 520 0.55 -18.36 -9.80
N LEU A 521 1.38 -18.26 -10.85
CA LEU A 521 1.75 -16.99 -11.47
C LEU A 521 0.55 -16.27 -12.13
N ASP A 522 -0.18 -16.96 -13.04
CA ASP A 522 -1.33 -16.36 -13.69
C ASP A 522 -2.54 -16.49 -12.75
N CYS A 523 -2.96 -15.38 -12.15
CA CYS A 523 -4.09 -15.41 -11.22
C CYS A 523 -5.00 -14.21 -11.47
N GLU A 524 -6.28 -14.33 -11.08
CA GLU A 524 -7.24 -13.24 -11.24
C GLU A 524 -6.86 -11.96 -10.50
N LEU A 525 -6.10 -12.05 -9.39
CA LEU A 525 -5.65 -10.84 -8.70
C LEU A 525 -4.60 -10.09 -9.53
N THR A 526 -3.67 -10.81 -10.17
CA THR A 526 -2.65 -10.17 -11.03
C THR A 526 -3.32 -9.53 -12.23
N LYS A 527 -4.27 -10.24 -12.84
CA LYS A 527 -5.02 -9.70 -13.99
C LYS A 527 -5.80 -8.45 -13.61
N PHE A 528 -6.45 -8.47 -12.45
CA PHE A 528 -7.22 -7.34 -11.97
C PHE A 528 -6.30 -6.13 -11.70
N LEU A 529 -5.21 -6.34 -10.95
CA LEU A 529 -4.27 -5.26 -10.64
C LEU A 529 -3.67 -4.67 -11.92
N LEU A 530 -3.29 -5.51 -12.89
CA LEU A 530 -2.72 -5.07 -14.16
C LEU A 530 -3.74 -4.26 -15.00
N GLY A 531 -4.96 -4.77 -15.15
CA GLY A 531 -6.00 -4.06 -15.86
C GLY A 531 -6.33 -2.71 -15.22
N ARG A 532 -6.42 -2.68 -13.88
CA ARG A 532 -6.70 -1.42 -13.19
C ARG A 532 -5.53 -0.43 -13.29
N ALA A 533 -4.27 -0.93 -13.29
CA ALA A 533 -3.08 -0.11 -13.47
C ALA A 533 -3.00 0.47 -14.87
N LEU A 534 -3.39 -0.33 -15.87
CA LEU A 534 -3.36 0.12 -17.25
C LEU A 534 -4.49 1.09 -17.62
N ALA A 535 -5.56 1.14 -16.82
CA ALA A 535 -6.65 2.09 -17.02
C ALA A 535 -6.47 3.38 -16.14
N ASN A 536 -5.47 3.45 -15.27
CA ASN A 536 -5.24 4.62 -14.41
C ASN A 536 -3.74 4.72 -14.15
N ARG A 537 -3.09 5.77 -14.69
CA ARG A 537 -1.64 5.98 -14.61
C ARG A 537 -1.09 6.18 -13.20
N LYS A 538 -1.94 6.66 -12.26
CA LYS A 538 -1.56 6.84 -10.86
C LYS A 538 -1.46 5.46 -10.21
N ILE A 539 -2.46 4.58 -10.46
CA ILE A 539 -2.45 3.20 -9.96
C ILE A 539 -1.24 2.45 -10.56
N GLY A 540 -0.99 2.66 -11.85
CA GLY A 540 0.15 2.05 -12.54
C GLY A 540 1.46 2.50 -11.96
N HIS A 541 1.57 3.77 -11.56
CA HIS A 541 2.78 4.31 -10.96
C HIS A 541 3.09 3.62 -9.59
N PHE A 542 2.11 3.61 -8.65
CA PHE A 542 2.32 3.01 -7.32
C PHE A 542 2.39 1.49 -7.36
N LEU A 543 1.69 0.83 -8.31
CA LEU A 543 1.83 -0.63 -8.48
C LEU A 543 3.25 -0.93 -8.88
N PHE A 544 3.80 -0.17 -9.83
CA PHE A 544 5.20 -0.35 -10.25
C PHE A 544 6.17 -0.25 -9.04
N TRP A 545 6.07 0.83 -8.25
CA TRP A 545 7.00 1.06 -7.15
C TRP A 545 6.85 0.06 -6.03
N HIS A 546 5.63 -0.41 -5.75
CA HIS A 546 5.45 -1.46 -4.75
C HIS A 546 6.15 -2.76 -5.20
N LEU A 547 6.08 -3.10 -6.50
CA LEU A 547 6.74 -4.32 -7.00
C LEU A 547 8.25 -4.14 -7.10
N ARG A 548 8.71 -2.99 -7.60
CA ARG A 548 10.11 -2.66 -7.79
C ARG A 548 10.89 -2.63 -6.48
N SER A 549 10.28 -2.07 -5.45
CA SER A 549 10.91 -1.97 -4.13
C SER A 549 11.18 -3.33 -3.47
N GLU A 550 10.67 -4.45 -4.04
CA GLU A 550 10.91 -5.77 -3.46
C GLU A 550 11.69 -6.72 -4.37
N MET A 551 12.36 -6.21 -5.41
CA MET A 551 13.12 -7.07 -6.33
C MET A 551 14.35 -7.69 -5.67
N HIS A 552 14.81 -7.20 -4.53
CA HIS A 552 15.95 -7.76 -3.81
C HIS A 552 15.52 -8.96 -2.91
N VAL A 553 14.20 -9.23 -2.79
CA VAL A 553 13.61 -10.31 -2.02
C VAL A 553 13.43 -11.55 -2.94
N PRO A 554 14.28 -12.58 -2.79
CA PRO A 554 14.23 -13.76 -3.69
C PRO A 554 12.91 -14.51 -3.85
N SER A 555 12.08 -14.55 -2.79
CA SER A 555 10.79 -15.21 -2.84
C SER A 555 9.78 -14.51 -3.76
N VAL A 556 9.95 -13.21 -4.03
CA VAL A 556 8.99 -12.49 -4.88
C VAL A 556 9.58 -11.95 -6.16
N ALA A 557 10.92 -11.93 -6.31
CA ALA A 557 11.56 -11.34 -7.48
C ALA A 557 11.06 -11.85 -8.83
N LEU A 558 10.86 -13.17 -8.99
CA LEU A 558 10.35 -13.70 -10.25
C LEU A 558 8.91 -13.18 -10.50
N ARG A 559 7.99 -13.42 -9.55
CA ARG A 559 6.61 -12.97 -9.68
C ARG A 559 6.52 -11.44 -9.97
N PHE A 560 7.12 -10.62 -9.11
CA PHE A 560 7.08 -9.18 -9.25
C PHE A 560 7.76 -8.70 -10.52
N GLY A 561 8.82 -9.38 -10.92
CA GLY A 561 9.53 -9.05 -12.15
C GLY A 561 8.66 -9.26 -13.36
N LEU A 562 7.96 -10.40 -13.42
CA LEU A 562 7.07 -10.75 -14.52
C LEU A 562 5.89 -9.78 -14.68
N ILE A 563 5.26 -9.36 -13.56
CA ILE A 563 4.16 -8.39 -13.55
C ILE A 563 4.63 -6.98 -14.05
N MET A 564 5.83 -6.53 -13.64
CA MET A 564 6.33 -5.23 -14.10
C MET A 564 6.62 -5.28 -15.60
N GLU A 565 7.13 -6.44 -16.12
CA GLU A 565 7.41 -6.64 -17.54
C GLU A 565 6.09 -6.52 -18.33
N ALA A 566 5.05 -7.30 -17.96
CA ALA A 566 3.73 -7.25 -18.59
C ALA A 566 3.19 -5.80 -18.58
N TYR A 567 3.29 -5.11 -17.44
CA TYR A 567 2.87 -3.71 -17.36
C TYR A 567 3.60 -2.83 -18.37
N CYS A 568 4.93 -3.01 -18.49
CA CYS A 568 5.73 -2.25 -19.42
C CYS A 568 5.27 -2.45 -20.86
N ARG A 569 4.80 -3.66 -21.24
CA ARG A 569 4.26 -3.94 -22.57
C ARG A 569 2.98 -3.13 -22.86
N GLY A 570 2.22 -2.84 -21.81
CA GLY A 570 0.98 -2.08 -21.89
C GLY A 570 1.18 -0.58 -21.89
N SER A 571 2.41 -0.08 -21.57
CA SER A 571 2.73 1.36 -21.60
C SER A 571 4.19 1.67 -21.78
N THR A 572 4.61 1.78 -23.03
CA THR A 572 5.97 2.10 -23.45
C THR A 572 6.37 3.51 -23.00
N HIS A 573 5.42 4.45 -23.02
CA HIS A 573 5.69 5.82 -22.61
C HIS A 573 5.92 5.90 -21.09
N HIS A 574 5.06 5.23 -20.30
CA HIS A 574 5.21 5.25 -18.86
C HIS A 574 6.49 4.57 -18.40
N MET A 575 6.96 3.55 -19.13
CA MET A 575 8.22 2.86 -18.85
C MET A 575 9.37 3.88 -18.88
N LYS A 576 9.35 4.79 -19.88
CA LYS A 576 10.35 5.82 -20.05
C LYS A 576 10.29 6.84 -18.91
N VAL A 577 9.09 7.16 -18.41
CA VAL A 577 8.87 8.09 -17.30
C VAL A 577 9.39 7.47 -16.03
N LEU A 578 9.11 6.18 -15.79
CA LEU A 578 9.62 5.48 -14.61
C LEU A 578 11.16 5.28 -14.69
N MET A 579 11.73 5.13 -15.90
CA MET A 579 13.19 5.02 -16.08
C MET A 579 13.90 6.30 -15.66
N LYS A 580 13.30 7.44 -15.98
CA LYS A 580 13.82 8.74 -15.58
C LYS A 580 13.86 8.84 -14.01
N GLN A 581 12.83 8.28 -13.32
CA GLN A 581 12.78 8.21 -11.87
C GLN A 581 13.86 7.28 -11.32
N GLY A 582 14.06 6.10 -11.93
CA GLY A 582 15.07 5.15 -11.47
C GLY A 582 16.51 5.67 -11.63
N GLU A 583 16.73 6.47 -12.68
CA GLU A 583 18.00 7.10 -12.94
C GLU A 583 18.31 8.13 -11.87
N ALA A 584 17.29 8.89 -11.40
CA ALA A 584 17.47 9.87 -10.33
C ALA A 584 17.83 9.16 -9.00
N LEU A 585 17.14 8.08 -8.68
CA LEU A 585 17.36 7.28 -7.48
C LEU A 585 18.71 6.59 -7.47
N SER A 586 19.20 6.22 -8.66
CA SER A 586 20.49 5.61 -8.81
C SER A 586 21.57 6.64 -8.46
N LYS A 587 21.42 7.89 -8.95
CA LYS A 587 22.34 8.97 -8.63
C LYS A 587 22.27 9.36 -7.15
N LEU A 588 21.07 9.40 -6.55
CA LEU A 588 20.91 9.72 -5.12
C LEU A 588 21.61 8.68 -4.25
N LYS A 589 21.56 7.40 -4.65
CA LYS A 589 22.30 6.33 -3.97
C LYS A 589 23.82 6.59 -4.04
N ALA A 590 24.37 6.92 -5.23
CA ALA A 590 25.80 7.22 -5.34
C ALA A 590 26.19 8.48 -4.53
N LEU A 591 25.35 9.51 -4.59
CA LEU A 591 25.57 10.75 -3.84
C LEU A 591 25.49 10.53 -2.30
N ASN A 592 24.55 9.69 -1.84
CA ASN A 592 24.41 9.37 -0.41
C ASN A 592 25.60 8.55 0.09
N ASP A 593 26.14 7.64 -0.74
CA ASP A 593 27.34 6.86 -0.38
C ASP A 593 28.53 7.80 -0.22
N PHE A 594 28.68 8.78 -1.11
CA PHE A 594 29.76 9.78 -0.98
C PHE A 594 29.60 10.53 0.38
N VAL A 595 28.39 11.00 0.67
CA VAL A 595 28.09 11.74 1.89
C VAL A 595 28.43 10.94 3.13
N LYS A 596 28.03 9.66 3.17
CA LYS A 596 28.34 8.75 4.29
C LYS A 596 29.83 8.67 4.55
N VAL A 597 30.62 8.45 3.49
CA VAL A 597 32.07 8.34 3.56
C VAL A 597 32.73 9.67 3.96
N SER A 598 32.31 10.76 3.34
CA SER A 598 32.88 12.08 3.61
C SER A 598 32.58 12.60 5.04
N SER A 599 31.39 12.35 5.55
CA SER A 599 30.98 12.80 6.87
C SER A 599 31.80 12.19 8.00
N GLN A 600 32.42 11.02 7.77
CA GLN A 600 33.28 10.36 8.77
C GLN A 600 34.73 10.88 8.69
N LYS A 601 35.07 11.72 7.71
CA LYS A 601 36.42 12.19 7.51
C LYS A 601 36.58 13.70 7.55
N THR A 602 35.49 14.47 7.58
CA THR A 602 35.59 15.94 7.56
C THR A 602 34.36 16.62 8.23
N THR A 603 34.37 17.97 8.33
CA THR A 603 33.28 18.72 8.97
C THR A 603 32.05 18.83 8.05
N LYS A 604 30.87 19.01 8.67
CA LYS A 604 29.60 19.16 7.99
C LYS A 604 29.64 20.21 6.86
N PRO A 605 30.13 21.45 7.09
CA PRO A 605 30.18 22.42 5.98
C PRO A 605 31.01 21.93 4.80
N GLN A 606 32.11 21.21 5.09
CA GLN A 606 32.97 20.67 4.05
C GLN A 606 32.31 19.54 3.26
N THR A 607 31.57 18.64 3.92
CA THR A 607 30.90 17.54 3.23
C THR A 607 29.75 18.09 2.36
N LYS A 608 29.03 19.08 2.87
CA LYS A 608 27.92 19.70 2.18
C LYS A 608 28.40 20.40 0.89
N GLU A 609 29.53 21.14 0.96
CA GLU A 609 30.08 21.79 -0.23
C GLU A 609 30.58 20.78 -1.28
N MET A 610 31.12 19.63 -0.83
CA MET A 610 31.52 18.58 -1.76
C MET A 610 30.32 17.88 -2.38
N MET A 611 29.22 17.73 -1.61
CA MET A 611 27.98 17.15 -2.10
C MET A 611 27.44 18.02 -3.27
N HIS A 612 27.49 19.34 -3.09
CA HIS A 612 27.07 20.31 -4.09
C HIS A 612 27.94 20.28 -5.35
N MET A 613 29.26 20.07 -5.23
CA MET A 613 30.13 19.94 -6.40
C MET A 613 29.80 18.65 -7.13
N CYS A 614 29.50 17.57 -6.39
CA CYS A 614 29.13 16.32 -7.01
C CYS A 614 27.81 16.47 -7.79
N MET A 615 26.83 17.21 -7.22
CA MET A 615 25.52 17.50 -7.79
C MET A 615 25.60 18.40 -9.02
N ARG A 616 26.55 19.34 -9.00
CA ARG A 616 26.78 20.28 -10.09
C ARG A 616 27.46 19.66 -11.29
N GLN A 617 27.86 18.37 -11.24
CA GLN A 617 28.40 17.68 -12.41
C GLN A 617 27.20 17.45 -13.38
N GLU A 618 27.47 17.52 -14.70
CA GLU A 618 26.45 17.40 -15.76
C GLU A 618 25.62 16.13 -15.65
N THR A 619 26.25 14.98 -15.40
CA THR A 619 25.50 13.72 -15.25
C THR A 619 24.51 13.76 -14.07
N TYR A 620 24.84 14.46 -12.99
CA TYR A 620 23.95 14.61 -11.85
C TYR A 620 22.85 15.64 -12.08
N MET A 621 23.17 16.83 -12.66
CA MET A 621 22.16 17.87 -12.93
C MET A 621 21.08 17.31 -13.86
N GLU A 622 21.50 16.53 -14.88
CA GLU A 622 20.65 15.85 -15.85
C GLU A 622 19.79 14.76 -15.24
N ALA A 623 20.40 13.78 -14.54
CA ALA A 623 19.64 12.71 -13.90
C ALA A 623 18.67 13.18 -12.80
N LEU A 624 19.05 14.21 -12.03
CA LEU A 624 18.23 14.67 -10.92
C LEU A 624 17.14 15.68 -11.28
N SER A 625 17.13 16.20 -12.50
CA SER A 625 16.16 17.23 -12.89
C SER A 625 15.11 16.72 -13.85
N HIS A 626 13.96 17.40 -13.90
CA HIS A 626 12.89 17.17 -14.86
C HIS A 626 12.33 15.78 -14.78
N LEU A 627 11.80 15.44 -13.63
CA LEU A 627 11.16 14.13 -13.44
C LEU A 627 9.83 14.25 -12.66
N GLN A 628 8.99 13.22 -12.73
CA GLN A 628 7.80 13.14 -11.91
C GLN A 628 8.26 12.55 -10.60
N SER A 629 7.72 13.05 -9.51
CA SER A 629 8.07 12.53 -8.21
C SER A 629 7.58 11.10 -7.97
N PRO A 630 8.46 10.17 -7.53
CA PRO A 630 7.97 8.81 -7.21
C PRO A 630 6.94 8.85 -6.02
N LEU A 631 7.06 9.84 -5.14
CA LEU A 631 6.09 10.02 -4.06
C LEU A 631 4.69 10.48 -4.55
N ASP A 632 4.62 11.14 -5.71
CA ASP A 632 3.38 11.70 -6.24
C ASP A 632 3.60 12.09 -7.69
N PRO A 633 3.12 11.27 -8.62
CA PRO A 633 3.36 11.56 -10.05
C PRO A 633 2.77 12.89 -10.58
N SER A 634 1.82 13.48 -9.85
CA SER A 634 1.28 14.78 -10.24
C SER A 634 2.21 15.95 -9.82
N THR A 635 3.20 15.71 -8.94
CA THR A 635 4.16 16.72 -8.54
C THR A 635 5.35 16.58 -9.52
N LEU A 636 5.74 17.68 -10.15
CA LEU A 636 6.86 17.70 -11.08
C LEU A 636 8.11 18.21 -10.37
N LEU A 637 9.22 17.46 -10.41
CA LEU A 637 10.48 17.87 -9.80
C LEU A 637 11.28 18.50 -10.94
N GLU A 638 11.27 19.84 -11.06
CA GLU A 638 11.91 20.48 -12.20
C GLU A 638 13.42 20.74 -12.01
N GLU A 639 13.81 21.91 -11.48
CA GLU A 639 15.21 22.23 -11.31
C GLU A 639 15.63 21.89 -9.90
N VAL A 640 16.65 21.05 -9.73
CA VAL A 640 17.17 20.78 -8.40
C VAL A 640 17.93 22.06 -7.95
N CYS A 641 17.61 22.59 -6.75
CA CYS A 641 18.22 23.75 -6.13
C CYS A 641 19.36 23.24 -5.29
N VAL A 642 20.51 23.05 -5.90
CA VAL A 642 21.69 22.54 -5.24
C VAL A 642 22.05 23.30 -3.95
N GLU A 643 22.02 24.65 -3.97
CA GLU A 643 22.38 25.44 -2.79
C GLU A 643 21.50 25.11 -1.58
N GLN A 644 20.26 24.71 -1.79
CA GLN A 644 19.37 24.33 -0.71
C GLN A 644 19.44 22.84 -0.35
N CYS A 645 20.25 22.04 -1.04
CA CYS A 645 20.36 20.61 -0.74
C CYS A 645 21.35 20.38 0.41
N THR A 646 21.08 19.39 1.25
CA THR A 646 21.95 19.09 2.38
C THR A 646 21.74 17.62 2.81
N PHE A 647 22.22 17.24 3.98
CA PHE A 647 22.02 15.93 4.55
C PHE A 647 21.81 16.10 6.06
N MET A 648 21.13 15.14 6.65
CA MET A 648 20.85 15.12 8.06
C MET A 648 21.90 14.29 8.81
N ASP A 649 22.04 14.56 10.12
CA ASP A 649 23.11 14.02 10.95
C ASP A 649 22.90 12.65 11.55
N SER A 650 21.78 11.97 11.31
CA SER A 650 21.55 10.63 11.82
C SER A 650 22.40 9.60 11.06
N LYS A 651 22.53 8.39 11.61
CA LYS A 651 23.42 7.31 11.16
C LYS A 651 23.54 7.15 9.63
N MET A 652 22.41 7.13 8.91
CA MET A 652 22.44 6.89 7.48
C MET A 652 22.62 8.14 6.62
N LYS A 653 22.83 9.33 7.24
CA LYS A 653 23.00 10.61 6.54
C LYS A 653 21.96 10.84 5.45
N PRO A 654 20.66 10.83 5.81
CA PRO A 654 19.63 11.03 4.79
C PRO A 654 19.83 12.35 4.04
N LEU A 655 19.57 12.34 2.71
CA LEU A 655 19.71 13.53 1.88
C LEU A 655 18.44 14.34 1.83
N TRP A 656 18.57 15.66 1.86
CA TRP A 656 17.43 16.59 1.84
C TRP A 656 17.56 17.33 0.52
N ILE A 657 16.73 16.99 -0.46
CA ILE A 657 16.84 17.54 -1.80
C ILE A 657 15.72 18.52 -2.10
N MET A 658 16.09 19.76 -2.50
CA MET A 658 15.10 20.76 -2.86
C MET A 658 15.01 20.95 -4.35
N TYR A 659 13.82 21.31 -4.79
CA TYR A 659 13.53 21.58 -6.17
C TYR A 659 12.77 22.87 -6.31
N SER A 660 12.80 23.48 -7.49
CA SER A 660 11.98 24.63 -7.80
C SER A 660 11.51 24.54 -9.26
N SER A 661 10.47 25.33 -9.59
CA SER A 661 9.87 25.41 -10.92
C SER A 661 9.21 26.78 -11.10
N GLU A 662 9.70 27.57 -12.06
CA GLU A 662 9.14 28.91 -12.38
C GLU A 662 7.67 28.82 -12.80
N GLU A 663 7.31 27.81 -13.63
CA GLU A 663 5.94 27.60 -14.13
C GLU A 663 4.94 27.28 -13.04
N ALA A 664 5.38 26.63 -11.96
CA ALA A 664 4.49 26.31 -10.85
C ALA A 664 4.44 27.37 -9.75
N GLY A 665 5.27 28.41 -9.84
CA GLY A 665 5.36 29.46 -8.83
C GLY A 665 5.86 28.92 -7.50
N SER A 666 5.40 29.52 -6.39
CA SER A 666 5.74 29.10 -5.03
C SER A 666 5.36 27.63 -4.72
N ALA A 667 4.39 27.08 -5.44
CA ALA A 667 3.97 25.68 -5.26
C ALA A 667 4.88 24.64 -5.99
N GLY A 668 5.84 25.12 -6.77
CA GLY A 668 6.83 24.28 -7.42
C GLY A 668 8.04 24.02 -6.53
N ASN A 669 8.10 24.71 -5.35
CA ASN A 669 9.16 24.58 -4.38
C ASN A 669 8.77 23.38 -3.54
N VAL A 670 9.40 22.26 -3.82
CA VAL A 670 9.09 21.02 -3.14
C VAL A 670 10.39 20.37 -2.72
N GLY A 671 10.32 19.56 -1.70
CA GLY A 671 11.47 18.84 -1.21
C GLY A 671 11.19 17.37 -1.09
N ILE A 672 12.27 16.57 -1.15
CA ILE A 672 12.25 15.12 -0.93
C ILE A 672 13.41 14.70 -0.03
N ILE A 673 13.21 13.67 0.74
CA ILE A 673 14.25 13.09 1.58
C ILE A 673 14.55 11.73 0.97
N PHE A 674 15.81 11.45 0.74
CA PHE A 674 16.25 10.16 0.23
C PHE A 674 16.97 9.47 1.42
N LYS A 675 16.52 8.28 1.77
CA LYS A 675 17.13 7.52 2.84
C LYS A 675 17.58 6.15 2.35
N ASN A 676 18.81 5.77 2.65
CA ASN A 676 19.33 4.49 2.30
C ASN A 676 20.01 3.83 3.54
N GLY A 677 19.60 2.60 3.83
CA GLY A 677 20.14 1.87 4.97
C GLY A 677 19.11 1.44 5.99
N ASP A 678 17.89 1.93 5.89
CA ASP A 678 16.82 1.56 6.80
C ASP A 678 15.57 1.24 5.98
N ASP A 679 14.71 0.40 6.53
CA ASP A 679 13.51 -0.04 5.82
C ASP A 679 12.35 0.95 6.09
N LEU A 680 11.69 1.45 5.03
CA LEU A 680 10.59 2.42 5.14
C LEU A 680 9.18 1.82 5.05
N ARG A 681 9.06 0.49 4.93
CA ARG A 681 7.78 -0.22 4.80
C ARG A 681 6.81 0.06 5.94
N GLN A 682 7.26 -0.05 7.20
CA GLN A 682 6.40 0.17 8.33
C GLN A 682 5.93 1.64 8.43
N ASP A 683 6.82 2.59 8.08
CA ASP A 683 6.45 4.02 8.05
C ASP A 683 5.39 4.24 7.00
N MET A 684 5.53 3.60 5.81
CA MET A 684 4.53 3.76 4.75
C MET A 684 3.17 3.24 5.20
N LEU A 685 3.15 2.04 5.83
CA LEU A 685 1.94 1.44 6.35
C LEU A 685 1.29 2.35 7.42
N THR A 686 2.07 2.86 8.35
CA THR A 686 1.56 3.75 9.39
C THR A 686 0.94 5.00 8.79
N LEU A 687 1.67 5.64 7.89
CA LEU A 687 1.19 6.84 7.23
C LEU A 687 -0.05 6.62 6.39
N GLN A 688 -0.17 5.47 5.70
CA GLN A 688 -1.38 5.17 4.93
C GLN A 688 -2.59 4.94 5.87
N MET A 689 -2.37 4.34 7.05
CA MET A 689 -3.43 4.14 8.06
C MET A 689 -3.92 5.46 8.66
N ILE A 690 -3.00 6.41 8.90
CA ILE A 690 -3.33 7.76 9.37
C ILE A 690 -4.12 8.49 8.26
N GLN A 691 -3.72 8.31 7.00
CA GLN A 691 -4.41 8.91 5.87
C GLN A 691 -5.84 8.32 5.77
N LEU A 692 -5.98 7.00 5.97
CA LEU A 692 -7.29 6.35 5.98
C LEU A 692 -8.15 6.92 7.14
N MET A 693 -7.56 7.12 8.35
CA MET A 693 -8.28 7.77 9.48
C MET A 693 -8.77 9.18 9.08
N ASP A 694 -7.90 9.98 8.43
CA ASP A 694 -8.24 11.31 7.96
C ASP A 694 -9.43 11.28 6.98
N VAL A 695 -9.47 10.30 6.05
CA VAL A 695 -10.59 10.11 5.10
C VAL A 695 -11.87 9.72 5.83
N LEU A 696 -11.79 8.75 6.78
CA LEU A 696 -12.97 8.32 7.55
C LEU A 696 -13.50 9.46 8.41
N TRP A 697 -12.61 10.23 9.06
CA TRP A 697 -13.04 11.40 9.84
C TRP A 697 -13.72 12.41 8.94
N LYS A 698 -13.10 12.75 7.78
CA LYS A 698 -13.72 13.72 6.85
C LYS A 698 -15.04 13.27 6.27
N GLN A 699 -15.26 11.94 6.07
CA GLN A 699 -16.58 11.48 5.60
C GLN A 699 -17.67 11.76 6.63
N GLU A 700 -17.32 11.95 7.91
CA GLU A 700 -18.32 12.30 8.94
C GLU A 700 -18.29 13.80 9.27
N GLY A 701 -17.74 14.62 8.39
CA GLY A 701 -17.65 16.06 8.60
C GLY A 701 -16.64 16.46 9.67
N LEU A 702 -15.62 15.63 9.93
CA LEU A 702 -14.61 15.94 10.93
C LEU A 702 -13.24 16.12 10.29
N ASP A 703 -12.79 17.37 10.12
CA ASP A 703 -11.47 17.63 9.57
C ASP A 703 -10.47 17.93 10.71
N LEU A 704 -9.60 16.98 11.03
CA LEU A 704 -8.62 17.16 12.09
C LEU A 704 -7.28 17.73 11.58
N ARG A 705 -7.24 18.28 10.36
CA ARG A 705 -6.05 19.00 9.86
C ARG A 705 -4.77 18.19 9.96
N MET A 706 -4.85 16.95 9.51
CA MET A 706 -3.75 16.00 9.53
C MET A 706 -2.68 16.31 8.46
N THR A 707 -1.49 15.70 8.59
CA THR A 707 -0.44 15.87 7.60
C THR A 707 0.09 14.50 7.21
N PRO A 708 -0.65 13.73 6.42
CA PRO A 708 -0.17 12.39 6.04
C PRO A 708 0.71 12.53 4.80
N TYR A 709 1.96 12.92 5.00
CA TYR A 709 2.93 13.17 3.94
C TYR A 709 3.35 11.85 3.25
N GLY A 710 3.83 11.95 2.03
CA GLY A 710 4.30 10.77 1.29
C GLY A 710 5.53 10.07 1.87
N CYS A 711 5.52 8.75 1.74
CA CYS A 711 6.60 7.88 2.15
C CYS A 711 6.56 6.70 1.22
N LEU A 712 7.67 6.44 0.52
CA LEU A 712 7.66 5.38 -0.49
C LEU A 712 8.97 4.62 -0.57
N PRO A 713 8.94 3.33 -0.18
CA PRO A 713 10.12 2.48 -0.39
C PRO A 713 10.31 2.29 -1.90
N THR A 714 11.55 2.36 -2.39
CA THR A 714 11.83 2.24 -3.82
C THR A 714 12.78 1.08 -4.17
N GLY A 715 13.50 0.59 -3.17
CA GLY A 715 14.49 -0.46 -3.36
C GLY A 715 14.91 -1.07 -2.05
N ASP A 716 16.05 -1.74 -2.06
CA ASP A 716 16.59 -2.44 -0.91
C ASP A 716 16.96 -1.43 0.16
N ARG A 717 16.15 -1.32 1.23
CA ARG A 717 16.38 -0.35 2.32
C ARG A 717 16.58 1.06 1.79
N THR A 718 15.81 1.42 0.78
CA THR A 718 15.90 2.71 0.13
C THR A 718 14.51 3.22 -0.10
N GLY A 719 14.34 4.51 0.03
CA GLY A 719 13.07 5.14 -0.27
C GLY A 719 13.11 6.63 -0.13
N LEU A 720 11.98 7.23 -0.41
CA LEU A 720 11.78 8.66 -0.38
C LEU A 720 10.75 9.03 0.64
N ILE A 721 10.90 10.23 1.23
CA ILE A 721 9.94 10.80 2.19
C ILE A 721 9.65 12.25 1.69
N GLU A 722 8.38 12.65 1.65
CA GLU A 722 8.02 13.98 1.21
C GLU A 722 8.38 15.01 2.31
N VAL A 723 8.97 16.14 1.91
CA VAL A 723 9.28 17.18 2.88
C VAL A 723 8.03 18.08 3.03
N VAL A 724 7.62 18.35 4.28
CA VAL A 724 6.57 19.30 4.54
C VAL A 724 7.31 20.60 4.90
N LEU A 725 7.32 21.55 3.98
CA LEU A 725 8.03 22.82 4.20
C LEU A 725 7.36 23.68 5.28
N HIS A 726 8.08 24.62 5.84
CA HIS A 726 7.53 25.53 6.86
C HIS A 726 7.14 24.78 8.14
N SER A 727 7.97 23.84 8.53
CA SER A 727 7.74 23.06 9.73
C SER A 727 9.00 22.83 10.45
N ASP A 728 8.91 22.63 11.76
CA ASP A 728 10.10 22.36 12.56
C ASP A 728 9.74 21.43 13.72
N THR A 729 10.74 20.72 14.28
CA THR A 729 10.44 19.81 15.40
C THR A 729 10.12 20.62 16.66
N ILE A 730 9.40 19.99 17.61
CA ILE A 730 9.12 20.57 18.91
C ILE A 730 10.45 20.89 19.62
N ALA A 731 11.43 19.98 19.56
CA ALA A 731 12.73 20.20 20.22
C ALA A 731 13.46 21.43 19.70
N ASN A 732 13.48 21.63 18.36
CA ASN A 732 14.16 22.78 17.78
C ASN A 732 13.51 24.08 18.18
N ILE A 733 12.18 24.11 18.24
CA ILE A 733 11.45 25.28 18.66
C ILE A 733 11.68 25.56 20.14
N GLN A 734 11.76 24.52 20.98
CA GLN A 734 12.01 24.71 22.42
C GLN A 734 13.47 25.00 22.79
N LEU A 735 14.36 25.17 21.81
CA LEU A 735 15.75 25.46 22.08
C LEU A 735 15.90 26.87 22.64
N ALA A 742 9.77 35.31 19.85
CA ALA A 742 10.19 36.15 20.98
C ALA A 742 10.61 35.30 22.20
N THR A 743 11.43 35.89 23.07
CA THR A 743 11.99 35.30 24.27
C THR A 743 10.97 34.80 25.28
N ALA A 744 11.09 33.52 25.64
CA ALA A 744 10.23 32.92 26.65
C ALA A 744 10.88 32.97 28.06
N ALA A 745 10.20 33.63 29.00
CA ALA A 745 10.61 33.69 30.41
C ALA A 745 10.58 32.26 31.01
N PHE A 746 9.62 31.42 30.55
CA PHE A 746 9.42 30.03 30.94
C PHE A 746 9.40 29.16 29.68
N ASN A 747 10.10 28.00 29.68
CA ASN A 747 10.13 27.11 28.51
C ASN A 747 8.73 26.68 28.03
N LYS A 748 7.75 26.68 28.94
CA LYS A 748 6.37 26.33 28.62
C LYS A 748 5.74 27.30 27.62
N ASP A 749 6.28 28.53 27.50
CA ASP A 749 5.74 29.49 26.56
C ASP A 749 6.41 29.48 25.18
N ALA A 750 7.50 28.70 24.99
CA ALA A 750 8.23 28.68 23.74
C ALA A 750 7.41 28.30 22.49
N LEU A 751 6.61 27.22 22.56
CA LEU A 751 5.78 26.76 21.45
C LEU A 751 4.71 27.82 21.07
N LEU A 752 4.03 28.38 22.06
CA LEU A 752 3.04 29.43 21.84
C LEU A 752 3.71 30.68 21.29
N ASN A 753 4.87 31.08 21.81
CA ASN A 753 5.59 32.24 21.29
C ASN A 753 6.01 32.02 19.84
N TRP A 754 6.41 30.78 19.47
CA TRP A 754 6.79 30.49 18.10
C TRP A 754 5.53 30.60 17.19
N LEU A 755 4.38 30.10 17.67
CA LEU A 755 3.12 30.20 16.93
C LEU A 755 2.72 31.65 16.71
N LYS A 756 2.88 32.49 17.74
CA LYS A 756 2.59 33.93 17.71
C LYS A 756 3.46 34.63 16.66
N SER A 757 4.77 34.33 16.61
CA SER A 757 5.68 34.93 15.63
C SER A 757 5.33 34.55 14.16
N LYS A 758 4.73 33.39 13.94
CA LYS A 758 4.33 32.95 12.61
C LYS A 758 2.88 33.38 12.26
N ASN A 759 2.05 33.69 13.26
CA ASN A 759 0.64 34.04 13.09
C ASN A 759 0.26 35.25 13.96
N PRO A 760 0.68 36.47 13.58
CA PRO A 760 0.36 37.65 14.41
C PRO A 760 -1.09 38.11 14.33
N GLY A 761 -1.50 38.91 15.31
CA GLY A 761 -2.85 39.48 15.41
C GLY A 761 -3.97 38.47 15.35
N GLU A 762 -4.88 38.64 14.39
CA GLU A 762 -6.03 37.78 14.23
C GLU A 762 -5.71 36.35 13.74
N ALA A 763 -4.50 36.10 13.24
CA ALA A 763 -4.14 34.77 12.74
C ALA A 763 -3.88 33.75 13.85
N LEU A 764 -3.44 34.20 15.05
CA LEU A 764 -3.13 33.34 16.20
C LEU A 764 -4.26 32.39 16.60
N ASP A 765 -5.49 32.89 16.70
CA ASP A 765 -6.63 32.07 17.06
C ASP A 765 -6.83 30.88 16.14
N ARG A 766 -6.70 31.09 14.83
CA ARG A 766 -6.87 30.01 13.87
C ARG A 766 -5.68 29.04 13.91
N ALA A 767 -4.45 29.50 14.26
CA ALA A 767 -3.29 28.62 14.41
C ALA A 767 -3.48 27.71 15.63
N ILE A 768 -3.94 28.28 16.76
CA ILE A 768 -4.23 27.49 17.97
C ILE A 768 -5.29 26.41 17.67
N GLU A 769 -6.29 26.76 16.87
CA GLU A 769 -7.33 25.81 16.49
C GLU A 769 -6.81 24.68 15.63
N GLU A 770 -5.96 25.00 14.64
CA GLU A 770 -5.31 24.01 13.75
C GLU A 770 -4.48 23.05 14.60
N PHE A 771 -3.75 23.59 15.60
CA PHE A 771 -2.91 22.80 16.50
C PHE A 771 -3.73 21.80 17.30
N THR A 772 -4.88 22.27 17.82
CA THR A 772 -5.79 21.54 18.69
C THR A 772 -6.44 20.37 17.95
N LEU A 773 -6.94 20.65 16.72
CA LEU A 773 -7.55 19.65 15.86
C LEU A 773 -6.50 18.56 15.53
N SER A 774 -5.33 18.95 15.01
CA SER A 774 -4.31 17.98 14.62
C SER A 774 -3.75 17.23 15.82
N CYS A 775 -3.59 17.92 16.96
CA CYS A 775 -3.16 17.25 18.19
C CYS A 775 -4.16 16.16 18.60
N ALA A 776 -5.48 16.42 18.49
CA ALA A 776 -6.49 15.42 18.81
C ALA A 776 -6.35 14.23 17.85
N GLY A 777 -6.20 14.50 16.55
CA GLY A 777 -6.04 13.47 15.56
C GLY A 777 -4.85 12.57 15.80
N TYR A 778 -3.67 13.16 16.06
CA TYR A 778 -2.44 12.39 16.28
C TYR A 778 -2.43 11.66 17.60
N CYS A 779 -3.02 12.24 18.68
CA CYS A 779 -3.15 11.56 19.97
C CYS A 779 -4.02 10.29 19.77
N VAL A 780 -5.09 10.40 18.97
CA VAL A 780 -5.97 9.28 18.76
C VAL A 780 -5.30 8.25 17.86
N ALA A 781 -4.66 8.69 16.78
CA ALA A 781 -3.99 7.78 15.86
C ALA A 781 -2.85 6.99 16.53
N THR A 782 -1.96 7.67 17.28
CA THR A 782 -0.85 6.99 17.94
C THR A 782 -1.36 6.03 19.03
N TYR A 783 -2.48 6.37 19.69
CA TYR A 783 -3.07 5.51 20.69
C TYR A 783 -3.69 4.24 20.06
N VAL A 784 -4.54 4.41 19.04
CA VAL A 784 -5.18 3.28 18.38
C VAL A 784 -4.13 2.33 17.73
N LEU A 785 -3.11 2.90 17.10
CA LEU A 785 -2.09 2.09 16.47
C LEU A 785 -0.99 1.59 17.43
N GLY A 786 -0.98 2.06 18.66
CA GLY A 786 0.02 1.63 19.64
C GLY A 786 1.41 2.13 19.35
N ILE A 787 1.52 3.34 18.82
CA ILE A 787 2.80 3.94 18.46
C ILE A 787 3.41 4.63 19.68
N GLY A 788 4.38 3.97 20.27
CA GLY A 788 5.08 4.52 21.43
C GLY A 788 6.30 5.31 21.01
N ASP A 789 7.13 5.66 21.99
CA ASP A 789 8.38 6.41 21.75
C ASP A 789 8.16 7.74 21.02
N ARG A 790 7.13 8.48 21.42
CA ARG A 790 6.84 9.79 20.85
C ARG A 790 7.51 10.81 21.74
N HIS A 791 8.32 11.68 21.17
CA HIS A 791 9.06 12.69 21.93
C HIS A 791 9.25 13.97 21.08
N SER A 792 9.93 14.99 21.61
CA SER A 792 10.17 16.26 20.95
C SER A 792 10.94 16.21 19.61
N ASP A 793 11.66 15.12 19.34
CA ASP A 793 12.41 14.99 18.10
C ASP A 793 11.63 14.34 16.96
N ASN A 794 10.53 13.64 17.27
CA ASN A 794 9.73 13.02 16.20
C ASN A 794 8.29 13.57 16.12
N ILE A 795 8.08 14.77 16.67
CA ILE A 795 6.84 15.51 16.57
C ILE A 795 7.24 16.87 15.99
N MET A 796 6.50 17.31 14.96
CA MET A 796 6.74 18.56 14.29
C MET A 796 5.50 19.47 14.24
N ILE A 797 5.75 20.76 14.04
CA ILE A 797 4.70 21.73 13.90
C ILE A 797 4.94 22.58 12.68
N ARG A 798 3.88 22.78 11.94
CA ARG A 798 3.83 23.61 10.77
C ARG A 798 3.55 25.05 11.20
N GLU A 799 3.96 26.02 10.34
CA GLU A 799 3.73 27.43 10.68
C GLU A 799 2.28 27.81 10.72
N SER A 800 1.40 27.02 10.11
CA SER A 800 -0.05 27.21 10.20
C SER A 800 -0.60 26.81 11.58
N GLY A 801 0.18 26.09 12.40
CA GLY A 801 -0.27 25.62 13.71
C GLY A 801 -0.46 24.11 13.75
N GLN A 802 -0.54 23.44 12.59
CA GLN A 802 -0.71 21.99 12.54
C GLN A 802 0.45 21.17 13.09
N LEU A 803 0.12 20.27 14.03
CA LEU A 803 1.08 19.37 14.63
C LEU A 803 1.04 18.04 13.83
N PHE A 804 2.20 17.38 13.64
CA PHE A 804 2.22 16.09 12.96
C PHE A 804 3.37 15.25 13.48
N HIS A 805 3.26 13.95 13.31
CA HIS A 805 4.29 13.05 13.78
C HIS A 805 5.11 12.53 12.60
N ILE A 806 6.38 12.26 12.86
CA ILE A 806 7.31 11.68 11.89
C ILE A 806 7.99 10.44 12.48
N ASP A 807 8.59 9.61 11.61
CA ASP A 807 9.44 8.50 11.98
C ASP A 807 8.77 7.51 12.93
N PHE A 808 7.90 6.69 12.38
CA PHE A 808 7.14 5.72 13.15
C PHE A 808 7.86 4.37 13.21
N GLY A 809 8.90 4.30 14.02
CA GLY A 809 9.70 3.09 14.16
C GLY A 809 9.04 1.93 14.88
N HIS A 810 8.00 2.21 15.69
CA HIS A 810 7.33 1.16 16.44
C HIS A 810 5.83 1.29 16.44
N PHE A 811 5.12 0.17 16.26
CA PHE A 811 3.67 0.18 16.33
C PHE A 811 3.13 -1.12 16.97
N LEU A 812 1.82 -1.14 17.27
CA LEU A 812 1.12 -2.23 17.90
C LEU A 812 1.75 -2.63 19.24
N GLY A 813 2.22 -1.64 19.99
CA GLY A 813 2.76 -1.81 21.33
C GLY A 813 4.11 -2.48 21.42
N ASN A 814 4.85 -2.51 20.31
CA ASN A 814 6.17 -3.09 20.27
C ASN A 814 7.22 -2.07 20.72
N PHE A 815 8.22 -2.51 21.50
CA PHE A 815 9.22 -1.58 22.06
C PHE A 815 10.50 -2.30 22.49
N ARG A 825 0.88 -2.46 26.28
CA ARG A 825 -0.11 -1.47 25.88
C ARG A 825 0.37 -0.03 26.09
N VAL A 826 0.46 0.71 24.97
CA VAL A 826 0.87 2.12 24.94
C VAL A 826 -0.33 2.91 25.43
N PRO A 827 -0.15 3.68 26.51
CA PRO A 827 -1.29 4.46 27.03
C PRO A 827 -1.54 5.70 26.18
N PHE A 828 -2.71 6.33 26.39
CA PHE A 828 -3.04 7.57 25.70
C PHE A 828 -2.07 8.65 26.22
N ILE A 829 -1.56 9.52 25.33
CA ILE A 829 -0.60 10.52 25.75
C ILE A 829 -1.12 11.94 25.63
N LEU A 830 -1.06 12.69 26.74
CA LEU A 830 -1.36 14.11 26.79
C LEU A 830 -0.08 14.80 27.27
N THR A 831 0.58 15.57 26.40
CA THR A 831 1.80 16.27 26.74
C THR A 831 1.45 17.66 27.20
N TYR A 832 2.03 18.10 28.34
CA TYR A 832 1.77 19.38 28.97
C TYR A 832 1.98 20.57 28.06
N ASP A 833 3.08 20.59 27.30
CA ASP A 833 3.35 21.70 26.40
C ASP A 833 2.28 21.83 25.32
N PHE A 834 1.65 20.71 24.92
CA PHE A 834 0.60 20.73 23.89
C PHE A 834 -0.71 21.20 24.53
N VAL A 835 -1.03 20.69 25.73
CA VAL A 835 -2.20 21.11 26.50
C VAL A 835 -2.11 22.63 26.81
N HIS A 836 -0.89 23.13 27.02
CA HIS A 836 -0.63 24.55 27.29
C HIS A 836 -1.00 25.44 26.10
N VAL A 837 -0.72 24.99 24.87
CA VAL A 837 -1.12 25.70 23.64
C VAL A 837 -2.67 25.64 23.43
N ILE A 838 -3.26 24.43 23.58
CA ILE A 838 -4.71 24.22 23.46
C ILE A 838 -5.47 25.18 24.39
N GLN A 839 -4.95 25.34 25.62
CA GLN A 839 -5.50 26.24 26.64
C GLN A 839 -5.14 27.72 26.45
N GLN A 840 -4.59 28.09 25.28
CA GLN A 840 -4.20 29.46 24.89
C GLN A 840 -3.19 30.09 25.84
N GLY A 841 -2.35 29.28 26.47
CA GLY A 841 -1.36 29.76 27.43
C GLY A 841 -1.87 29.95 28.83
N LYS A 842 -3.15 29.57 29.10
CA LYS A 842 -3.71 29.73 30.44
C LYS A 842 -3.55 28.46 31.25
N THR A 843 -3.38 28.61 32.57
CA THR A 843 -3.26 27.53 33.55
C THR A 843 -4.58 26.77 33.58
N ASN A 844 -5.72 27.49 33.63
CA ASN A 844 -7.05 26.90 33.65
C ASN A 844 -7.85 27.36 32.41
N ASN A 845 -8.33 26.42 31.61
CA ASN A 845 -9.12 26.76 30.43
C ASN A 845 -9.94 25.55 30.01
N SER A 846 -10.91 25.16 30.86
CA SER A 846 -11.72 23.97 30.56
C SER A 846 -12.59 24.10 29.34
N GLU A 847 -12.95 25.32 28.97
CA GLU A 847 -13.75 25.58 27.79
C GLU A 847 -12.96 25.15 26.54
N LYS A 848 -11.67 25.50 26.46
CA LYS A 848 -10.83 25.05 25.34
C LYS A 848 -10.37 23.60 25.50
N PHE A 849 -9.98 23.22 26.73
CA PHE A 849 -9.52 21.85 26.96
C PHE A 849 -10.62 20.82 26.67
N GLU A 850 -11.84 21.05 27.14
CA GLU A 850 -12.94 20.09 26.92
C GLU A 850 -13.43 20.04 25.47
N ARG A 851 -13.23 21.10 24.66
CA ARG A 851 -13.52 21.01 23.22
C ARG A 851 -12.56 20.00 22.59
N PHE A 852 -11.28 20.04 23.04
CA PHE A 852 -10.24 19.14 22.56
C PHE A 852 -10.59 17.70 22.94
N ARG A 853 -11.04 17.44 24.17
CA ARG A 853 -11.48 16.11 24.60
C ARG A 853 -12.63 15.61 23.68
N GLY A 854 -13.56 16.49 23.32
CA GLY A 854 -14.65 16.18 22.38
C GLY A 854 -14.11 15.77 21.01
N TYR A 855 -13.09 16.44 20.51
CA TYR A 855 -12.44 16.09 19.24
C TYR A 855 -11.83 14.69 19.34
N CYS A 856 -11.04 14.39 20.42
CA CYS A 856 -10.47 13.06 20.60
C CYS A 856 -11.56 11.96 20.61
N GLU A 857 -12.64 12.17 21.37
CA GLU A 857 -13.72 11.18 21.50
C GLU A 857 -14.48 10.98 20.18
N ARG A 858 -14.81 12.07 19.48
CA ARG A 858 -15.47 11.98 18.16
C ARG A 858 -14.58 11.14 17.16
N ALA A 859 -13.27 11.42 17.11
CA ALA A 859 -12.34 10.74 16.22
C ALA A 859 -12.23 9.25 16.55
N TYR A 860 -12.20 8.95 17.84
CA TYR A 860 -12.13 7.60 18.34
C TYR A 860 -13.43 6.81 18.02
N THR A 861 -14.61 7.40 18.24
CA THR A 861 -15.87 6.72 17.97
C THR A 861 -16.05 6.48 16.47
N ILE A 862 -15.61 7.42 15.62
CA ILE A 862 -15.69 7.23 14.17
C ILE A 862 -14.78 6.03 13.75
N LEU A 863 -13.56 5.92 14.27
CA LEU A 863 -12.65 4.81 13.91
C LEU A 863 -13.22 3.44 14.29
N ARG A 864 -13.83 3.34 15.48
CA ARG A 864 -14.50 2.13 15.94
C ARG A 864 -15.59 1.66 14.94
N ARG A 865 -16.39 2.57 14.36
CA ARG A 865 -17.40 2.18 13.37
C ARG A 865 -16.79 1.55 12.11
N HIS A 866 -15.51 1.84 11.81
CA HIS A 866 -14.78 1.25 10.69
C HIS A 866 -13.70 0.29 11.16
N GLY A 867 -13.82 -0.27 12.36
CA GLY A 867 -12.84 -1.17 12.95
C GLY A 867 -12.56 -2.40 12.13
N LEU A 868 -13.62 -2.99 11.54
CA LEU A 868 -13.46 -4.17 10.68
C LEU A 868 -12.57 -3.87 9.48
N LEU A 869 -12.66 -2.64 8.95
CA LEU A 869 -11.86 -2.23 7.82
C LEU A 869 -10.36 -2.23 8.21
N PHE A 870 -10.03 -1.74 9.41
CA PHE A 870 -8.63 -1.73 9.87
C PHE A 870 -8.16 -3.15 10.14
N LEU A 871 -9.01 -3.99 10.74
CA LEU A 871 -8.65 -5.39 11.01
C LEU A 871 -8.40 -6.21 9.74
N HIS A 872 -9.28 -6.06 8.74
CA HIS A 872 -9.12 -6.74 7.48
C HIS A 872 -7.87 -6.28 6.74
N LEU A 873 -7.55 -4.98 6.80
CA LEU A 873 -6.35 -4.47 6.12
C LEU A 873 -5.11 -4.95 6.82
N PHE A 874 -5.09 -4.91 8.15
CA PHE A 874 -3.95 -5.38 8.92
C PHE A 874 -3.76 -6.91 8.78
N ALA A 875 -4.85 -7.68 8.59
CA ALA A 875 -4.75 -9.13 8.42
C ALA A 875 -4.05 -9.43 7.08
N LEU A 876 -4.38 -8.66 6.03
CA LEU A 876 -3.76 -8.83 4.71
C LEU A 876 -2.29 -8.42 4.75
N MET A 877 -1.94 -7.42 5.58
CA MET A 877 -0.55 -6.97 5.75
C MET A 877 0.33 -7.98 6.47
N ARG A 878 -0.24 -9.04 7.07
CA ARG A 878 0.59 -10.09 7.68
C ARG A 878 1.50 -10.77 6.66
N ALA A 879 1.13 -10.68 5.35
CA ALA A 879 1.90 -11.19 4.23
C ALA A 879 3.17 -10.37 3.97
N ALA A 880 3.31 -9.16 4.54
CA ALA A 880 4.49 -8.32 4.30
C ALA A 880 5.78 -8.80 4.96
N GLY A 881 5.65 -9.62 6.00
CA GLY A 881 6.81 -10.10 6.73
C GLY A 881 7.46 -9.03 7.59
N LEU A 882 6.70 -7.99 7.98
CA LEU A 882 7.13 -6.90 8.88
C LEU A 882 7.23 -7.56 10.25
N PRO A 883 8.35 -7.41 10.98
CA PRO A 883 8.49 -8.10 12.27
C PRO A 883 7.50 -7.64 13.34
N GLU A 884 6.99 -6.42 13.25
CA GLU A 884 6.02 -5.92 14.20
C GLU A 884 4.56 -6.21 13.83
N LEU A 885 4.33 -6.97 12.74
CA LEU A 885 3.01 -7.40 12.31
C LEU A 885 3.22 -8.82 11.79
N SER A 886 3.46 -9.73 12.73
CA SER A 886 3.84 -11.10 12.40
C SER A 886 3.01 -12.19 13.09
N CYS A 887 2.05 -11.83 13.95
CA CYS A 887 1.21 -12.82 14.63
C CYS A 887 -0.15 -12.22 15.03
N SER A 888 -1.02 -13.06 15.63
CA SER A 888 -2.35 -12.69 16.11
C SER A 888 -2.27 -11.72 17.28
N LYS A 889 -1.21 -11.79 18.11
CA LYS A 889 -1.04 -10.87 19.24
C LYS A 889 -0.97 -9.40 18.78
N ASP A 890 -0.39 -9.17 17.59
CA ASP A 890 -0.29 -7.84 16.98
C ASP A 890 -1.66 -7.34 16.51
N ILE A 891 -2.47 -8.23 15.92
CA ILE A 891 -3.83 -7.91 15.50
C ILE A 891 -4.72 -7.67 16.72
N GLN A 892 -4.53 -8.46 17.78
CA GLN A 892 -5.25 -8.35 19.04
C GLN A 892 -5.10 -6.96 19.63
N TYR A 893 -3.89 -6.36 19.51
CA TYR A 893 -3.61 -5.01 19.97
C TYR A 893 -4.62 -3.99 19.38
N LEU A 894 -4.91 -4.12 18.08
CA LEU A 894 -5.87 -3.26 17.40
C LEU A 894 -7.30 -3.55 17.84
N LYS A 895 -7.62 -4.82 18.14
CA LYS A 895 -8.97 -5.16 18.62
C LYS A 895 -9.19 -4.57 20.00
N ASP A 896 -8.16 -4.56 20.86
CA ASP A 896 -8.25 -4.01 22.21
C ASP A 896 -8.26 -2.48 22.18
N SER A 897 -7.44 -1.86 21.33
CA SER A 897 -7.42 -0.40 21.23
C SER A 897 -8.73 0.15 20.65
N LEU A 898 -9.39 -0.60 19.76
CA LEU A 898 -10.68 -0.17 19.22
C LEU A 898 -11.88 -0.71 20.03
N ALA A 899 -11.66 -1.60 21.03
CA ALA A 899 -12.69 -2.18 21.91
C ALA A 899 -13.97 -2.58 21.15
N LEU A 900 -13.80 -3.37 20.08
CA LEU A 900 -14.90 -3.76 19.20
C LEU A 900 -15.90 -4.73 19.80
N GLY A 901 -15.51 -5.45 20.84
CA GLY A 901 -16.44 -6.34 21.53
C GLY A 901 -17.44 -5.59 22.39
N LYS A 902 -17.05 -4.41 22.88
CA LYS A 902 -17.91 -3.58 23.74
C LYS A 902 -18.93 -2.77 22.93
N THR A 903 -19.93 -2.22 23.61
CA THR A 903 -20.89 -1.31 23.00
C THR A 903 -20.21 0.09 22.85
N GLU A 904 -20.81 1.01 22.07
CA GLU A 904 -20.25 2.35 21.92
C GLU A 904 -20.12 3.08 23.28
N GLU A 905 -21.08 2.86 24.19
CA GLU A 905 -21.08 3.47 25.52
C GLU A 905 -19.95 2.92 26.41
N GLU A 906 -19.71 1.59 26.38
CA GLU A 906 -18.64 1.00 27.18
C GLU A 906 -17.27 1.37 26.62
N ALA A 907 -17.14 1.42 25.29
CA ALA A 907 -15.88 1.79 24.64
C ALA A 907 -15.55 3.25 24.98
N LEU A 908 -16.55 4.15 24.96
CA LEU A 908 -16.34 5.55 25.33
C LEU A 908 -15.93 5.70 26.78
N LYS A 909 -16.62 5.00 27.71
CA LYS A 909 -16.30 5.07 29.14
C LYS A 909 -14.87 4.61 29.40
N HIS A 910 -14.42 3.56 28.71
CA HIS A 910 -13.09 3.00 28.85
C HIS A 910 -12.06 3.95 28.23
N PHE A 911 -12.40 4.60 27.09
CA PHE A 911 -11.54 5.60 26.47
C PHE A 911 -11.38 6.79 27.43
N ARG A 912 -12.49 7.21 28.09
CA ARG A 912 -12.50 8.32 29.05
C ARG A 912 -11.61 8.03 30.25
N VAL A 913 -11.57 6.77 30.70
CA VAL A 913 -10.70 6.41 31.82
C VAL A 913 -9.25 6.56 31.39
N LYS A 914 -8.90 6.14 30.15
CA LYS A 914 -7.55 6.26 29.59
C LYS A 914 -7.15 7.71 29.38
N PHE A 915 -8.08 8.55 28.88
CA PHE A 915 -7.83 9.97 28.64
C PHE A 915 -7.63 10.68 29.98
N ASN A 916 -8.48 10.40 30.98
CA ASN A 916 -8.33 10.99 32.31
C ASN A 916 -7.05 10.55 33.00
N GLU A 917 -6.59 9.31 32.72
CA GLU A 917 -5.30 8.81 33.23
C GLU A 917 -4.15 9.60 32.58
N ALA A 918 -4.29 9.94 31.28
CA ALA A 918 -3.27 10.70 30.58
C ALA A 918 -3.20 12.16 31.06
N LEU A 919 -4.33 12.71 31.49
CA LEU A 919 -4.38 14.08 31.99
C LEU A 919 -3.73 14.19 33.39
N ARG A 920 -3.92 13.17 34.25
CA ARG A 920 -3.26 13.16 35.56
C ARG A 920 -1.75 12.95 35.39
N GLU A 921 -1.36 12.14 34.40
CA GLU A 921 0.04 11.85 34.08
C GLU A 921 0.73 13.07 33.41
N SER A 922 -0.07 13.94 32.73
CA SER A 922 0.42 15.14 32.02
C SER A 922 1.14 16.13 32.94
N01 SD5 B . 11.68 6.86 8.97
C02 SD5 B . 11.85 8.20 8.96
C03 SD5 B . 13.11 8.77 8.82
C04 SD5 B . 13.23 10.14 8.67
C05 SD5 B . 12.06 10.95 8.74
C06 SD5 B . 10.86 10.27 8.89
N07 SD5 B . 10.73 8.95 9.00
C08 SD5 B . 12.09 12.44 8.82
C09 SD5 B . 13.02 13.08 9.59
C10 SD5 B . 13.02 14.45 9.60
N11 SD5 B . 12.11 15.17 8.93
C12 SD5 B . 11.21 14.47 8.21
N13 SD5 B . 11.16 13.11 8.10
N14 SD5 B . 10.31 15.21 7.48
C15 SD5 B . 9.25 14.64 6.65
C16 SD5 B . 7.96 15.44 6.80
O17 SD5 B . 8.18 16.84 6.55
C18 SD5 B . 9.19 17.37 7.44
C19 SD5 B . 10.50 16.65 7.27
N20 SD5 B . 13.99 15.16 10.25
C21 SD5 B . 14.04 16.62 10.29
C22 SD5 B . 14.05 17.06 11.73
O23 SD5 B . 15.13 16.45 12.44
C24 SD5 B . 14.99 15.03 12.44
C25 SD5 B . 15.01 14.47 11.05
C26 SD5 B . 14.58 10.68 8.29
F27 SD5 B . 15.26 11.20 9.29
F28 SD5 B . 15.37 9.76 7.75
F29 SD5 B . 14.52 11.68 7.40
#